data_6VAW
#
_entry.id   6VAW
#
_cell.length_a   76.222
_cell.length_b   125.052
_cell.length_c   126.844
_cell.angle_alpha   90.000
_cell.angle_beta   90.000
_cell.angle_gamma   90.000
#
_symmetry.space_group_name_H-M   'P 2 21 21'
#
loop_
_entity.id
_entity.type
_entity.pdbx_description
1 polymer 'Galactose-binding lectin'
2 non-polymer "N-[(2R,3R,4S,5R,6S)-3,4,5-trihydroxy-6-(hydroxymethyl)tetrahydro-2H-pyran-2-yl]-N'-[(1-{[(2R,3S,4S,5R,6S)-3,4,5-trihydroxy-6-methoxytetrahydro-2H-pyran-2-yl]methyl}-1H-1,2,3-triazol-4-yl)methyl]butanediamide"
3 non-polymer 'MANGANESE (II) ION'
4 non-polymer 'CALCIUM ION'
5 water water
#
_entity_poly.entity_id   1
_entity_poly.type   'polypeptide(L)'
_entity_poly.pdbx_seq_one_letter_code
;AETVSFNFNSFSEGNPAINFQGDVTVLSNGNIQLTNLNKVNSVGRVLYAMPVRIWSSATGNVASFLTSFSFEMKDIKDYD
PADGIIFFIAPEDTQIPAGSIGGGTLGVSDTKGAGHFVGVEFDTYSNSEYNDPPTDHVGIDVNSVDSVKTVPWNSVSGAV
VKVTVIYDSSTKTLSVAVTNDNGDITTIAQVVDLKAKLPERVKFGFSASGSLGGRQIHLIRSWSFTSTLITTTRRS
;
_entity_poly.pdbx_strand_id   A,B,C,D
#
# COMPACT_ATOMS: atom_id res chain seq x y z
N ALA A 1 -6.04 12.06 9.29
CA ALA A 1 -6.00 10.81 10.06
C ALA A 1 -4.58 10.26 10.17
N GLU A 2 -4.28 9.65 11.31
CA GLU A 2 -2.98 9.06 11.62
C GLU A 2 -3.05 7.56 11.37
N THR A 3 -2.24 7.06 10.45
CA THR A 3 -2.20 5.66 10.05
C THR A 3 -0.80 5.05 10.20
N VAL A 4 -0.76 3.82 10.77
CA VAL A 4 0.43 2.99 10.92
C VAL A 4 0.17 1.75 10.06
N SER A 5 1.03 1.49 9.09
CA SER A 5 0.88 0.35 8.20
C SER A 5 2.20 -0.34 7.94
N PHE A 6 2.21 -1.70 8.05
CA PHE A 6 3.41 -2.49 7.79
C PHE A 6 3.04 -3.86 7.26
N ASN A 7 4.01 -4.54 6.65
CA ASN A 7 3.79 -5.87 6.12
C ASN A 7 5.11 -6.65 6.16
N PHE A 8 5.08 -7.81 6.79
CA PHE A 8 6.20 -8.76 6.89
C PHE A 8 5.84 -10.05 6.18
N ASN A 9 6.51 -10.35 5.08
CA ASN A 9 6.34 -11.61 4.34
C ASN A 9 7.33 -12.64 4.90
N SER A 10 8.37 -12.12 5.56
CA SER A 10 9.46 -12.82 6.20
C SER A 10 10.06 -11.92 7.28
N PHE A 11 10.91 -12.51 8.10
CA PHE A 11 11.58 -11.81 9.19
C PHE A 11 13.09 -12.07 9.12
N SER A 12 13.86 -11.20 9.76
CA SER A 12 15.32 -11.28 9.83
C SER A 12 15.84 -10.69 11.14
N GLU A 13 16.94 -11.27 11.66
CA GLU A 13 17.66 -10.73 12.81
C GLU A 13 18.24 -9.37 12.39
N GLY A 14 18.23 -8.40 13.30
CA GLY A 14 18.79 -7.10 12.95
C GLY A 14 17.83 -6.18 12.21
N ASN A 15 16.60 -6.66 11.97
CA ASN A 15 15.56 -5.83 11.36
C ASN A 15 15.15 -4.86 12.47
N PRO A 16 15.46 -3.56 12.36
CA PRO A 16 15.13 -2.64 13.47
C PRO A 16 13.63 -2.52 13.76
N ALA A 17 12.74 -2.99 12.87
CA ALA A 17 11.26 -2.91 13.06
C ALA A 17 10.70 -3.93 14.06
N ILE A 18 11.50 -4.95 14.43
CA ILE A 18 11.11 -6.02 15.34
C ILE A 18 11.99 -6.10 16.62
N ASN A 19 11.34 -5.99 17.80
CA ASN A 19 11.98 -6.16 19.11
C ASN A 19 11.83 -7.61 19.51
N PHE A 20 12.94 -8.30 19.78
CA PHE A 20 12.95 -9.70 20.18
C PHE A 20 13.13 -9.80 21.71
N GLN A 21 12.30 -10.59 22.36
CA GLN A 21 12.33 -10.77 23.80
C GLN A 21 12.41 -12.24 24.15
N GLY A 22 13.33 -12.58 25.05
CA GLY A 22 13.48 -13.96 25.49
C GLY A 22 14.09 -14.90 24.48
N ASP A 23 13.51 -16.10 24.36
CA ASP A 23 14.06 -17.24 23.61
C ASP A 23 13.80 -17.25 22.09
N VAL A 24 13.39 -16.12 21.50
CA VAL A 24 13.09 -16.02 20.05
C VAL A 24 14.34 -16.14 19.18
N THR A 25 14.20 -16.85 18.05
CA THR A 25 15.20 -17.01 16.99
C THR A 25 14.52 -16.82 15.62
N VAL A 26 15.30 -16.44 14.63
CA VAL A 26 14.83 -16.32 13.26
C VAL A 26 15.48 -17.46 12.48
N LEU A 27 14.66 -18.32 11.87
CA LEU A 27 15.13 -19.44 11.05
C LEU A 27 15.58 -18.94 9.67
N SER A 28 16.40 -19.74 8.95
CA SER A 28 16.95 -19.40 7.63
C SER A 28 15.86 -19.17 6.57
N ASN A 29 14.66 -19.77 6.76
CA ASN A 29 13.53 -19.61 5.85
C ASN A 29 12.76 -18.29 6.10
N GLY A 30 13.14 -17.54 7.14
CA GLY A 30 12.51 -16.26 7.45
C GLY A 30 11.43 -16.29 8.52
N ASN A 31 11.09 -17.49 8.99
CA ASN A 31 10.09 -17.68 10.05
C ASN A 31 10.68 -17.31 11.41
N ILE A 32 9.82 -16.83 12.29
CA ILE A 32 10.17 -16.55 13.67
C ILE A 32 9.80 -17.77 14.49
N GLN A 33 10.75 -18.31 15.26
CA GLN A 33 10.51 -19.41 16.20
C GLN A 33 10.51 -18.80 17.60
N LEU A 34 9.38 -18.86 18.31
CA LEU A 34 9.28 -18.16 19.58
C LEU A 34 9.88 -18.86 20.77
N THR A 35 9.75 -20.18 20.88
CA THR A 35 10.31 -20.87 22.05
C THR A 35 11.54 -21.73 21.71
N ASN A 36 12.35 -22.01 22.76
CA ASN A 36 13.56 -22.84 22.65
C ASN A 36 13.17 -24.22 23.15
N LEU A 37 13.23 -25.23 22.27
CA LEU A 37 12.81 -26.62 22.55
C LEU A 37 13.66 -27.33 23.64
N ASN A 38 14.86 -26.82 23.97
CA ASN A 38 15.73 -27.47 24.97
C ASN A 38 15.75 -26.78 26.35
N LYS A 39 14.95 -25.70 26.51
CA LYS A 39 14.88 -24.90 27.75
C LYS A 39 13.59 -25.16 28.52
N VAL A 40 13.70 -25.26 29.88
CA VAL A 40 12.53 -25.42 30.75
C VAL A 40 11.82 -24.04 30.88
N ASN A 41 10.46 -24.02 30.85
CA ASN A 41 9.63 -22.80 30.98
C ASN A 41 10.06 -21.71 29.99
N SER A 42 10.38 -22.11 28.74
CA SER A 42 10.81 -21.21 27.69
C SER A 42 9.70 -20.19 27.33
N VAL A 43 10.09 -18.94 27.13
CA VAL A 43 9.20 -17.83 26.75
C VAL A 43 9.94 -17.00 25.71
N GLY A 44 9.25 -16.72 24.61
CA GLY A 44 9.75 -15.88 23.52
C GLY A 44 8.65 -14.97 23.03
N ARG A 45 8.97 -13.70 22.78
CA ARG A 45 8.01 -12.71 22.31
C ARG A 45 8.66 -11.82 21.24
N VAL A 46 7.86 -11.40 20.25
CA VAL A 46 8.28 -10.46 19.21
C VAL A 46 7.30 -9.30 19.26
N LEU A 47 7.81 -8.07 19.18
CA LEU A 47 6.99 -6.86 19.17
C LEU A 47 7.34 -5.97 17.99
N TYR A 48 6.32 -5.27 17.45
CA TYR A 48 6.59 -4.26 16.44
C TYR A 48 7.30 -3.16 17.23
N ALA A 49 8.48 -2.80 16.77
CA ALA A 49 9.39 -1.94 17.55
C ALA A 49 8.82 -0.55 17.84
N MET A 50 7.92 -0.08 17.00
CA MET A 50 7.42 1.28 17.20
C MET A 50 6.17 1.28 18.05
N PRO A 51 6.06 2.19 19.02
CA PRO A 51 4.85 2.33 19.79
C PRO A 51 3.74 2.79 18.83
N VAL A 52 2.53 2.32 19.07
CA VAL A 52 1.40 2.69 18.23
C VAL A 52 0.42 3.49 19.10
N ARG A 53 -0.01 4.66 18.63
CA ARG A 53 -0.99 5.48 19.38
C ARG A 53 -2.39 4.94 19.09
N ILE A 54 -2.97 4.15 20.03
CA ILE A 54 -4.29 3.54 19.82
C ILE A 54 -5.42 4.45 20.26
N TRP A 55 -5.14 5.45 21.05
CA TRP A 55 -6.17 6.40 21.48
C TRP A 55 -5.52 7.72 21.94
N SER A 56 -6.30 8.80 21.88
CA SER A 56 -5.83 10.15 22.19
C SER A 56 -6.63 10.78 23.31
N SER A 57 -5.94 11.22 24.36
CA SER A 57 -6.53 11.91 25.53
C SER A 57 -7.03 13.31 25.16
N ALA A 58 -6.56 13.86 24.03
CA ALA A 58 -6.96 15.18 23.52
C ALA A 58 -8.33 15.16 22.84
N THR A 59 -8.59 14.17 21.96
CA THR A 59 -9.88 14.08 21.23
C THR A 59 -10.86 13.04 21.82
N GLY A 60 -10.32 12.05 22.56
CA GLY A 60 -11.10 10.95 23.07
C GLY A 60 -11.29 9.87 22.01
N ASN A 61 -10.72 10.07 20.80
CA ASN A 61 -10.82 9.13 19.68
C ASN A 61 -9.99 7.88 19.92
N VAL A 62 -10.47 6.75 19.40
CA VAL A 62 -9.81 5.43 19.49
C VAL A 62 -9.59 4.90 18.07
N ALA A 63 -8.42 4.33 17.81
CA ALA A 63 -8.08 3.83 16.49
C ALA A 63 -8.83 2.54 16.16
N SER A 64 -9.05 2.29 14.87
CA SER A 64 -9.54 1.02 14.37
C SER A 64 -8.34 0.36 13.79
N PHE A 65 -8.34 -0.96 13.67
CA PHE A 65 -7.23 -1.64 13.01
C PHE A 65 -7.70 -2.92 12.32
N LEU A 66 -6.91 -3.32 11.32
CA LEU A 66 -7.07 -4.54 10.54
C LEU A 66 -5.70 -5.20 10.55
N THR A 67 -5.65 -6.46 10.99
CA THR A 67 -4.35 -7.15 10.99
C THR A 67 -4.56 -8.58 10.56
N SER A 68 -3.60 -9.11 9.81
CA SER A 68 -3.61 -10.49 9.39
C SER A 68 -2.23 -11.11 9.66
N PHE A 69 -2.22 -12.37 10.07
CA PHE A 69 -0.96 -13.06 10.32
C PHE A 69 -1.16 -14.54 10.08
N SER A 70 -0.03 -15.25 9.91
CA SER A 70 -0.04 -16.69 9.75
C SER A 70 0.98 -17.31 10.68
N PHE A 71 0.61 -18.43 11.26
CA PHE A 71 1.48 -19.15 12.18
C PHE A 71 1.40 -20.64 11.93
N GLU A 72 2.28 -21.37 12.63
CA GLU A 72 2.31 -22.81 12.58
C GLU A 72 2.78 -23.34 13.92
N MET A 73 2.07 -24.35 14.43
CA MET A 73 2.51 -25.07 15.63
C MET A 73 2.76 -26.51 15.20
N LYS A 74 3.91 -27.05 15.59
CA LYS A 74 4.30 -28.41 15.22
C LYS A 74 4.79 -29.19 16.44
N ASP A 75 4.27 -30.42 16.58
CA ASP A 75 4.65 -31.34 17.66
C ASP A 75 6.11 -31.74 17.55
N ILE A 76 6.71 -32.03 18.69
CA ILE A 76 8.06 -32.56 18.76
C ILE A 76 7.95 -33.86 19.53
N LYS A 77 8.86 -34.79 19.27
CA LYS A 77 8.90 -36.10 19.93
C LYS A 77 8.95 -35.99 21.47
N ASP A 78 8.19 -36.85 22.17
CA ASP A 78 8.11 -37.06 23.63
C ASP A 78 7.42 -35.94 24.44
N TYR A 79 7.55 -34.66 24.08
CA TYR A 79 6.91 -33.61 24.89
C TYR A 79 5.46 -33.39 24.49
N ASP A 80 4.68 -32.91 25.44
CA ASP A 80 3.26 -32.56 25.22
C ASP A 80 3.18 -31.34 24.36
N PRO A 81 2.39 -31.34 23.25
CA PRO A 81 2.33 -30.13 22.40
C PRO A 81 1.65 -28.98 23.16
N ALA A 82 2.48 -28.10 23.71
CA ALA A 82 2.06 -26.98 24.55
C ALA A 82 3.10 -25.81 24.49
N ASP A 83 2.72 -24.57 24.82
CA ASP A 83 1.39 -24.23 25.34
C ASP A 83 0.48 -23.42 24.39
N GLY A 84 1.05 -22.87 23.32
CA GLY A 84 0.33 -22.06 22.35
C GLY A 84 0.94 -20.70 22.12
N ILE A 85 0.23 -19.88 21.32
CA ILE A 85 0.65 -18.55 20.91
C ILE A 85 -0.43 -17.54 21.29
N ILE A 86 -0.03 -16.31 21.68
CA ILE A 86 -0.98 -15.22 21.90
C ILE A 86 -0.55 -13.99 21.06
N PHE A 87 -1.51 -13.42 20.33
CA PHE A 87 -1.35 -12.16 19.62
C PHE A 87 -1.76 -11.12 20.65
N PHE A 88 -0.85 -10.23 21.07
CA PHE A 88 -1.23 -9.34 22.15
C PHE A 88 -0.85 -7.88 21.91
N ILE A 89 -1.48 -7.04 22.72
CA ILE A 89 -1.39 -5.56 22.76
C ILE A 89 -1.06 -5.21 24.17
N ALA A 90 -0.01 -4.43 24.40
CA ALA A 90 0.37 -4.16 25.79
C ALA A 90 1.05 -2.79 25.92
N PRO A 91 1.25 -2.26 27.16
CA PRO A 91 1.95 -0.96 27.32
C PRO A 91 3.32 -0.99 26.60
N GLU A 92 3.78 0.16 26.08
CA GLU A 92 5.02 0.24 25.29
C GLU A 92 6.26 -0.30 26.03
N ASP A 93 6.26 -0.31 27.37
CA ASP A 93 7.40 -0.80 28.17
C ASP A 93 7.26 -2.30 28.53
N THR A 94 6.35 -3.03 27.87
CA THR A 94 6.07 -4.43 28.16
C THR A 94 7.31 -5.33 28.04
N GLN A 95 7.48 -6.18 29.04
CA GLN A 95 8.56 -7.15 29.14
C GLN A 95 8.00 -8.50 29.58
N ILE A 96 8.72 -9.60 29.30
CA ILE A 96 8.33 -10.92 29.83
C ILE A 96 8.21 -10.78 31.36
N PRO A 97 7.10 -11.21 31.99
CA PRO A 97 6.96 -11.06 33.46
C PRO A 97 8.16 -11.67 34.20
N ALA A 98 8.71 -10.93 35.18
CA ALA A 98 9.88 -11.41 35.93
C ALA A 98 9.55 -12.70 36.68
N GLY A 99 10.44 -13.68 36.54
CA GLY A 99 10.29 -15.01 37.12
C GLY A 99 9.19 -15.82 36.46
N SER A 100 8.93 -15.56 35.16
CA SER A 100 7.90 -16.23 34.37
C SER A 100 8.03 -17.75 34.38
N ILE A 101 6.92 -18.42 34.66
CA ILE A 101 6.85 -19.87 34.71
C ILE A 101 6.50 -20.43 33.30
N GLY A 102 6.34 -19.53 32.32
CA GLY A 102 5.97 -19.92 30.98
C GLY A 102 4.65 -20.67 31.04
N GLY A 103 4.63 -21.85 30.44
CA GLY A 103 3.47 -22.73 30.47
C GLY A 103 2.18 -22.07 30.02
N GLY A 104 1.13 -22.21 30.82
CA GLY A 104 -0.21 -21.69 30.58
C GLY A 104 -0.32 -20.17 30.65
N THR A 105 0.73 -19.50 31.17
CA THR A 105 0.78 -18.04 31.27
C THR A 105 0.96 -17.39 29.89
N LEU A 106 1.42 -18.19 28.88
CA LEU A 106 1.69 -17.82 27.46
C LEU A 106 2.73 -16.66 27.33
N GLY A 107 3.51 -16.44 28.39
CA GLY A 107 4.54 -15.39 28.44
C GLY A 107 4.03 -13.98 28.63
N VAL A 108 2.75 -13.81 29.00
CA VAL A 108 2.17 -12.47 29.14
C VAL A 108 1.63 -12.21 30.54
N SER A 109 1.50 -13.27 31.37
CA SER A 109 0.93 -13.06 32.68
C SER A 109 1.79 -13.64 33.82
N ASP A 110 1.40 -13.34 35.07
CA ASP A 110 2.08 -13.90 36.24
C ASP A 110 1.52 -15.32 36.51
N THR A 111 1.97 -15.96 37.61
CA THR A 111 1.55 -17.31 38.01
C THR A 111 0.04 -17.38 38.24
N LYS A 112 -0.57 -16.31 38.77
CA LYS A 112 -2.02 -16.23 39.04
C LYS A 112 -2.85 -15.94 37.75
N GLY A 113 -2.17 -15.76 36.62
CA GLY A 113 -2.74 -15.53 35.30
C GLY A 113 -3.11 -14.11 34.96
N ALA A 114 -2.66 -13.14 35.78
CA ALA A 114 -2.93 -11.72 35.61
C ALA A 114 -1.76 -11.00 34.95
N GLY A 115 -2.10 -10.02 34.11
CA GLY A 115 -1.12 -9.20 33.42
C GLY A 115 -1.77 -7.94 32.90
N HIS A 116 -1.01 -7.12 32.18
CA HIS A 116 -1.53 -5.89 31.59
C HIS A 116 -1.42 -6.04 30.07
N PHE A 117 -2.51 -6.52 29.43
CA PHE A 117 -2.52 -6.80 28.00
C PHE A 117 -3.93 -7.10 27.52
N VAL A 118 -4.11 -7.08 26.21
CA VAL A 118 -5.33 -7.49 25.51
C VAL A 118 -4.82 -8.43 24.45
N GLY A 119 -5.42 -9.60 24.33
CA GLY A 119 -4.91 -10.52 23.33
C GLY A 119 -5.87 -11.55 22.79
N VAL A 120 -5.41 -12.27 21.77
CA VAL A 120 -6.13 -13.37 21.13
C VAL A 120 -5.21 -14.57 21.25
N GLU A 121 -5.59 -15.58 22.05
CA GLU A 121 -4.78 -16.77 22.29
C GLU A 121 -5.23 -17.95 21.45
N PHE A 122 -4.23 -18.75 21.03
CA PHE A 122 -4.39 -20.01 20.29
C PHE A 122 -3.80 -21.04 21.23
N ASP A 123 -4.62 -21.47 22.17
CA ASP A 123 -4.27 -22.28 23.33
C ASP A 123 -4.39 -23.77 23.07
N THR A 124 -3.27 -24.50 23.25
CA THR A 124 -3.19 -25.93 22.94
C THR A 124 -3.08 -26.84 24.18
N TYR A 125 -3.29 -26.29 25.40
CA TYR A 125 -3.23 -27.07 26.65
C TYR A 125 -4.22 -26.50 27.67
N SER A 126 -5.03 -27.38 28.28
CA SER A 126 -6.06 -26.99 29.24
C SER A 126 -5.50 -26.87 30.65
N ASN A 127 -5.32 -25.62 31.12
CA ASN A 127 -4.83 -25.29 32.45
C ASN A 127 -6.03 -25.04 33.35
N SER A 128 -6.30 -26.00 34.25
CA SER A 128 -7.43 -25.90 35.19
C SER A 128 -7.31 -24.67 36.08
N GLU A 129 -6.06 -24.26 36.42
CA GLU A 129 -5.74 -23.10 37.27
C GLU A 129 -6.20 -21.78 36.58
N TYR A 130 -6.40 -21.80 35.26
CA TYR A 130 -6.82 -20.62 34.47
C TYR A 130 -8.18 -20.81 33.84
N ASN A 131 -8.94 -21.80 34.35
CA ASN A 131 -10.29 -22.18 33.95
C ASN A 131 -10.41 -22.40 32.43
N ASP A 132 -9.38 -23.04 31.83
CA ASP A 132 -9.37 -23.33 30.39
C ASP A 132 -10.48 -24.29 30.02
N PRO A 133 -11.08 -24.17 28.81
CA PRO A 133 -12.06 -25.20 28.39
C PRO A 133 -11.34 -26.56 28.16
N PRO A 134 -12.06 -27.71 28.06
CA PRO A 134 -11.34 -29.00 27.97
C PRO A 134 -10.56 -29.28 26.68
N THR A 135 -10.83 -28.57 25.56
CA THR A 135 -10.13 -28.82 24.28
C THR A 135 -9.32 -27.60 23.83
N ASP A 136 -8.54 -27.70 22.71
CA ASP A 136 -7.83 -26.57 22.09
C ASP A 136 -8.85 -25.46 21.82
N HIS A 137 -8.44 -24.20 21.96
CA HIS A 137 -9.39 -23.11 21.82
C HIS A 137 -8.71 -21.81 21.42
N VAL A 138 -9.53 -20.91 20.88
CA VAL A 138 -9.15 -19.53 20.60
C VAL A 138 -9.85 -18.73 21.68
N GLY A 139 -9.13 -17.82 22.31
CA GLY A 139 -9.70 -17.03 23.39
C GLY A 139 -9.41 -15.57 23.25
N ILE A 140 -10.28 -14.74 23.83
CA ILE A 140 -10.08 -13.29 23.87
C ILE A 140 -9.78 -13.01 25.32
N ASP A 141 -8.63 -12.39 25.57
CA ASP A 141 -8.07 -12.14 26.91
C ASP A 141 -7.96 -10.69 27.23
N VAL A 142 -8.36 -10.34 28.42
CA VAL A 142 -8.32 -8.97 28.90
C VAL A 142 -7.68 -8.99 30.29
N ASN A 143 -6.36 -8.70 30.33
CA ASN A 143 -5.54 -8.64 31.54
C ASN A 143 -5.47 -9.99 32.29
N SER A 144 -5.83 -11.08 31.61
CA SER A 144 -5.82 -12.40 32.21
C SER A 144 -5.84 -13.50 31.16
N VAL A 145 -5.17 -14.62 31.45
CA VAL A 145 -5.20 -15.81 30.61
C VAL A 145 -6.42 -16.67 31.01
N ASP A 146 -7.27 -16.16 31.94
CA ASP A 146 -8.61 -16.70 32.22
C ASP A 146 -9.50 -15.89 31.26
N SER A 147 -9.66 -16.39 30.04
CA SER A 147 -10.31 -15.66 28.95
C SER A 147 -11.72 -15.15 29.26
N VAL A 148 -12.00 -13.96 28.71
CA VAL A 148 -13.34 -13.36 28.78
C VAL A 148 -14.28 -14.27 27.98
N LYS A 149 -13.78 -14.84 26.87
CA LYS A 149 -14.54 -15.71 25.99
C LYS A 149 -13.62 -16.65 25.23
N THR A 150 -14.11 -17.85 24.94
CA THR A 150 -13.37 -18.84 24.16
C THR A 150 -14.30 -19.50 23.14
N VAL A 151 -13.71 -20.14 22.15
CA VAL A 151 -14.41 -20.91 21.12
C VAL A 151 -13.59 -22.19 20.89
N PRO A 152 -14.23 -23.38 20.76
CA PRO A 152 -13.44 -24.60 20.49
C PRO A 152 -12.75 -24.49 19.12
N TRP A 153 -11.54 -25.02 19.06
CA TRP A 153 -10.70 -24.99 17.88
C TRP A 153 -9.83 -26.26 17.89
N ASN A 154 -9.14 -26.54 16.80
CA ASN A 154 -8.26 -27.71 16.76
C ASN A 154 -6.90 -27.30 16.22
N SER A 155 -5.83 -27.50 17.01
CA SER A 155 -4.48 -27.16 16.54
C SER A 155 -3.88 -28.39 15.85
N VAL A 156 -3.74 -28.30 14.52
CA VAL A 156 -3.21 -29.36 13.67
C VAL A 156 -1.69 -29.18 13.53
N SER A 157 -0.93 -30.20 13.93
CA SER A 157 0.54 -30.17 13.88
C SER A 157 1.05 -30.05 12.44
N GLY A 158 1.90 -29.04 12.21
CA GLY A 158 2.47 -28.74 10.91
C GLY A 158 1.59 -27.93 9.96
N ALA A 159 0.36 -27.57 10.40
CA ALA A 159 -0.57 -26.83 9.56
C ALA A 159 -0.36 -25.33 9.65
N VAL A 160 -0.38 -24.64 8.50
CA VAL A 160 -0.27 -23.19 8.45
C VAL A 160 -1.67 -22.64 8.72
N VAL A 161 -1.79 -21.80 9.75
CA VAL A 161 -3.05 -21.18 10.16
C VAL A 161 -3.03 -19.69 9.78
N LYS A 162 -4.12 -19.19 9.16
CA LYS A 162 -4.30 -17.79 8.77
C LYS A 162 -5.30 -17.15 9.72
N VAL A 163 -4.98 -15.93 10.18
CA VAL A 163 -5.84 -15.19 11.12
C VAL A 163 -6.04 -13.78 10.58
N THR A 164 -7.26 -13.28 10.71
CA THR A 164 -7.62 -11.92 10.36
C THR A 164 -8.33 -11.37 11.59
N VAL A 165 -7.95 -10.17 11.99
CA VAL A 165 -8.51 -9.51 13.15
C VAL A 165 -8.95 -8.09 12.76
N ILE A 166 -10.17 -7.74 13.18
CA ILE A 166 -10.73 -6.41 12.93
C ILE A 166 -11.10 -5.80 14.27
N TYR A 167 -10.57 -4.60 14.58
CA TYR A 167 -11.02 -3.88 15.76
C TYR A 167 -11.78 -2.65 15.29
N ASP A 168 -13.08 -2.60 15.56
CA ASP A 168 -13.93 -1.47 15.19
C ASP A 168 -14.05 -0.53 16.40
N SER A 169 -13.39 0.62 16.36
CA SER A 169 -13.37 1.53 17.52
C SER A 169 -14.75 2.03 17.99
N SER A 170 -15.70 2.36 17.07
CA SER A 170 -17.04 2.86 17.43
C SER A 170 -17.85 1.87 18.31
N THR A 171 -17.85 0.58 17.96
CA THR A 171 -18.57 -0.47 18.73
C THR A 171 -17.67 -1.14 19.76
N LYS A 172 -16.34 -0.86 19.70
CA LYS A 172 -15.31 -1.43 20.58
C LYS A 172 -15.25 -2.99 20.37
N THR A 173 -15.63 -3.46 19.18
CA THR A 173 -15.66 -4.90 18.90
C THR A 173 -14.36 -5.37 18.30
N LEU A 174 -13.80 -6.43 18.91
CA LEU A 174 -12.63 -7.14 18.40
C LEU A 174 -13.16 -8.44 17.76
N SER A 175 -13.09 -8.54 16.44
CA SER A 175 -13.57 -9.71 15.69
C SER A 175 -12.38 -10.47 15.14
N VAL A 176 -12.41 -11.80 15.26
CA VAL A 176 -11.31 -12.71 14.86
C VAL A 176 -11.85 -13.82 13.95
N ALA A 177 -11.18 -14.05 12.83
CA ALA A 177 -11.51 -15.14 11.90
C ALA A 177 -10.23 -15.95 11.71
N VAL A 178 -10.31 -17.25 12.01
CA VAL A 178 -9.21 -18.21 11.94
C VAL A 178 -9.49 -19.24 10.86
N THR A 179 -8.62 -19.30 9.83
CA THR A 179 -8.77 -20.21 8.70
C THR A 179 -7.83 -21.39 8.87
N ASN A 180 -8.40 -22.60 8.99
CA ASN A 180 -7.62 -23.83 9.15
C ASN A 180 -7.24 -24.46 7.79
N ASP A 181 -6.42 -25.52 7.87
CA ASP A 181 -5.86 -26.33 6.79
C ASP A 181 -6.97 -27.06 6.01
N ASN A 182 -7.99 -27.60 6.74
CA ASN A 182 -9.11 -28.35 6.16
C ASN A 182 -10.14 -27.39 5.48
N GLY A 183 -9.82 -26.09 5.45
CA GLY A 183 -10.64 -25.06 4.83
C GLY A 183 -11.68 -24.38 5.69
N ASP A 184 -12.06 -25.00 6.83
CA ASP A 184 -13.09 -24.47 7.74
C ASP A 184 -12.64 -23.20 8.45
N ILE A 185 -13.58 -22.30 8.75
CA ILE A 185 -13.32 -21.07 9.49
C ILE A 185 -13.88 -21.21 10.90
N THR A 186 -13.17 -20.59 11.86
CA THR A 186 -13.53 -20.44 13.28
C THR A 186 -13.58 -18.93 13.56
N THR A 187 -14.62 -18.43 14.23
CA THR A 187 -14.68 -17.01 14.56
C THR A 187 -14.97 -16.80 16.03
N ILE A 188 -14.58 -15.63 16.52
CA ILE A 188 -14.86 -15.22 17.90
C ILE A 188 -14.82 -13.70 17.91
N ALA A 189 -15.74 -13.08 18.65
CA ALA A 189 -15.81 -11.62 18.74
C ALA A 189 -16.19 -11.21 20.15
N GLN A 190 -15.66 -10.10 20.60
CA GLN A 190 -15.93 -9.63 21.96
C GLN A 190 -15.79 -8.12 22.00
N VAL A 191 -16.69 -7.45 22.73
CA VAL A 191 -16.55 -6.00 22.94
C VAL A 191 -15.47 -5.80 24.01
N VAL A 192 -14.37 -5.10 23.64
CA VAL A 192 -13.23 -4.77 24.49
C VAL A 192 -12.96 -3.26 24.33
N ASP A 193 -13.04 -2.51 25.41
CA ASP A 193 -12.78 -1.07 25.38
C ASP A 193 -11.29 -0.83 25.59
N LEU A 194 -10.54 -0.74 24.48
CA LEU A 194 -9.09 -0.57 24.50
C LEU A 194 -8.67 0.74 25.23
N LYS A 195 -9.47 1.81 25.11
CA LYS A 195 -9.24 3.10 25.80
C LYS A 195 -9.31 2.95 27.34
N ALA A 196 -10.15 2.01 27.84
CA ALA A 196 -10.32 1.77 29.27
C ALA A 196 -9.29 0.77 29.83
N LYS A 197 -8.79 -0.13 29.00
CA LYS A 197 -7.90 -1.19 29.46
C LYS A 197 -6.42 -0.95 29.15
N LEU A 198 -6.12 -0.11 28.19
CA LEU A 198 -4.72 0.10 27.82
C LEU A 198 -4.31 1.58 27.81
N PRO A 199 -2.99 1.87 27.86
CA PRO A 199 -2.53 3.28 27.76
C PRO A 199 -2.65 3.81 26.33
N GLU A 200 -2.45 5.14 26.15
CA GLU A 200 -2.52 5.75 24.81
C GLU A 200 -1.52 5.12 23.81
N ARG A 201 -0.31 4.79 24.28
CA ARG A 201 0.78 4.20 23.48
C ARG A 201 0.99 2.75 23.88
N VAL A 202 0.98 1.89 22.85
CA VAL A 202 1.09 0.45 23.03
C VAL A 202 2.02 -0.18 22.03
N LYS A 203 2.35 -1.45 22.29
CA LYS A 203 3.11 -2.32 21.40
C LYS A 203 2.25 -3.57 21.08
N PHE A 204 2.32 -4.00 19.83
CA PHE A 204 1.63 -5.15 19.28
C PHE A 204 2.67 -6.22 19.08
N GLY A 205 2.32 -7.46 19.34
CA GLY A 205 3.29 -8.53 19.12
C GLY A 205 2.68 -9.89 19.30
N PHE A 206 3.56 -10.89 19.40
CA PHE A 206 3.23 -12.30 19.61
C PHE A 206 4.09 -12.84 20.76
N SER A 207 3.55 -13.80 21.49
CA SER A 207 4.24 -14.47 22.59
C SER A 207 3.84 -15.93 22.59
N ALA A 208 4.76 -16.80 23.00
CA ALA A 208 4.55 -18.23 23.14
C ALA A 208 5.39 -18.77 24.29
N SER A 209 4.98 -19.89 24.87
CA SER A 209 5.70 -20.44 26.00
C SER A 209 5.55 -21.94 26.07
N GLY A 210 6.39 -22.53 26.89
CA GLY A 210 6.38 -23.96 27.17
C GLY A 210 6.67 -24.18 28.64
N SER A 211 6.74 -25.44 29.04
CA SER A 211 7.05 -25.86 30.40
C SER A 211 8.13 -26.98 30.36
N LEU A 212 8.34 -27.70 31.47
CA LEU A 212 9.31 -28.79 31.48
C LEU A 212 8.87 -29.88 30.52
N GLY A 213 7.63 -30.35 30.69
CA GLY A 213 7.04 -31.42 29.87
C GLY A 213 6.22 -30.98 28.66
N GLY A 214 5.87 -29.69 28.61
CA GLY A 214 5.08 -29.15 27.51
C GLY A 214 5.87 -28.22 26.64
N ARG A 215 6.19 -28.66 25.42
CA ARG A 215 6.97 -27.92 24.43
C ARG A 215 6.51 -28.29 23.04
N GLN A 216 6.63 -27.35 22.13
CA GLN A 216 6.32 -27.56 20.72
C GLN A 216 6.94 -26.43 19.91
N ILE A 217 7.02 -26.62 18.58
CA ILE A 217 7.53 -25.59 17.69
C ILE A 217 6.41 -24.51 17.53
N HIS A 218 6.71 -23.22 17.82
CA HIS A 218 5.76 -22.09 17.66
C HIS A 218 6.36 -21.14 16.65
N LEU A 219 5.79 -21.09 15.44
CA LEU A 219 6.32 -20.26 14.35
C LEU A 219 5.39 -19.13 13.92
N ILE A 220 5.93 -17.93 13.69
CA ILE A 220 5.20 -16.79 13.12
C ILE A 220 5.77 -16.67 11.71
N ARG A 221 4.91 -16.84 10.70
CA ARG A 221 5.30 -16.85 9.29
C ARG A 221 5.17 -15.51 8.58
N SER A 222 4.12 -14.74 8.87
CA SER A 222 3.87 -13.46 8.23
C SER A 222 2.97 -12.59 9.10
N TRP A 223 3.00 -11.28 8.88
CA TRP A 223 2.18 -10.34 9.64
C TRP A 223 2.00 -9.03 8.86
N SER A 224 0.75 -8.62 8.64
CA SER A 224 0.40 -7.35 8.03
C SER A 224 -0.49 -6.60 9.01
N PHE A 225 -0.42 -5.28 9.01
CA PHE A 225 -1.15 -4.48 9.98
C PHE A 225 -1.43 -3.10 9.45
N THR A 226 -2.62 -2.57 9.74
CA THR A 226 -3.00 -1.20 9.43
C THR A 226 -3.88 -0.70 10.55
N SER A 227 -3.53 0.46 11.12
CA SER A 227 -4.34 1.11 12.13
C SER A 227 -4.57 2.55 11.70
N THR A 228 -5.75 3.09 11.94
CA THR A 228 -6.09 4.46 11.58
C THR A 228 -6.80 5.11 12.77
N LEU A 229 -6.27 6.26 13.19
CA LEU A 229 -6.79 7.08 14.31
C LEU A 229 -7.24 8.42 13.74
N ILE A 230 -8.53 8.73 13.87
CA ILE A 230 -9.06 10.00 13.39
C ILE A 230 -8.50 11.09 14.31
N THR A 231 -7.88 12.13 13.70
CA THR A 231 -7.28 13.26 14.39
C THR A 231 -8.18 14.48 14.16
N THR A 232 -8.81 14.98 15.23
CA THR A 232 -9.75 16.11 15.13
C THR A 232 -9.49 17.10 16.28
N ALA B 1 13.27 -10.04 1.34
CA ALA B 1 13.71 -8.65 1.39
C ALA B 1 13.10 -7.89 2.56
N GLU B 2 13.87 -6.95 3.12
CA GLU B 2 13.50 -6.09 4.24
C GLU B 2 13.06 -4.72 3.73
N THR B 3 11.80 -4.38 3.96
CA THR B 3 11.18 -3.13 3.45
C THR B 3 10.60 -2.30 4.59
N VAL B 4 10.86 -0.97 4.52
CA VAL B 4 10.29 0.05 5.39
C VAL B 4 9.43 0.95 4.47
N SER B 5 8.13 1.09 4.80
CA SER B 5 7.23 1.89 4.01
C SER B 5 6.29 2.69 4.89
N PHE B 6 6.01 3.95 4.50
CA PHE B 6 5.07 4.80 5.23
C PHE B 6 4.54 5.90 4.32
N ASN B 7 3.44 6.52 4.73
CA ASN B 7 2.83 7.62 4.00
C ASN B 7 2.12 8.54 4.98
N PHE B 8 2.50 9.84 4.96
CA PHE B 8 1.92 10.92 5.75
C PHE B 8 1.25 11.93 4.82
N ASN B 9 -0.06 12.04 4.90
CA ASN B 9 -0.85 13.02 4.15
C ASN B 9 -0.98 14.28 4.99
N SER B 10 -0.73 14.13 6.30
CA SER B 10 -0.79 15.13 7.36
C SER B 10 0.02 14.64 8.55
N PHE B 11 0.28 15.53 9.50
CA PHE B 11 1.04 15.18 10.68
C PHE B 11 0.29 15.57 11.95
N SER B 12 0.69 14.98 13.08
CA SER B 12 0.09 15.29 14.37
C SER B 12 1.10 15.15 15.49
N GLU B 13 0.93 15.99 16.52
CA GLU B 13 1.73 15.96 17.72
C GLU B 13 1.43 14.67 18.46
N GLY B 14 2.45 14.08 19.04
CA GLY B 14 2.24 12.86 19.78
C GLY B 14 2.15 11.61 18.93
N ASN B 15 2.34 11.76 17.61
CA ASN B 15 2.40 10.60 16.70
C ASN B 15 3.75 9.94 16.99
N PRO B 16 3.79 8.75 17.64
CA PRO B 16 5.09 8.17 18.02
C PRO B 16 5.97 7.78 16.81
N ALA B 17 5.41 7.83 15.58
CA ALA B 17 6.13 7.53 14.34
C ALA B 17 7.12 8.63 13.92
N ILE B 18 7.01 9.85 14.50
CA ILE B 18 7.87 10.98 14.17
C ILE B 18 8.58 11.54 15.43
N ASN B 19 9.90 11.78 15.32
CA ASN B 19 10.73 12.38 16.36
C ASN B 19 10.88 13.86 16.05
N PHE B 20 10.48 14.72 16.98
CA PHE B 20 10.57 16.18 16.81
C PHE B 20 11.82 16.68 17.55
N GLN B 21 12.64 17.47 16.86
CA GLN B 21 13.88 18.01 17.43
C GLN B 21 13.90 19.52 17.31
N GLY B 22 14.23 20.20 18.41
CA GLY B 22 14.32 21.65 18.41
C GLY B 22 13.00 22.38 18.33
N ASP B 23 12.94 23.39 17.44
CA ASP B 23 11.84 24.34 17.36
C ASP B 23 10.60 23.90 16.52
N VAL B 24 10.47 22.62 16.17
CA VAL B 24 9.33 22.09 15.38
C VAL B 24 8.01 22.23 16.11
N THR B 25 6.94 22.53 15.34
CA THR B 25 5.55 22.55 15.82
C THR B 25 4.66 21.93 14.73
N VAL B 26 3.49 21.42 15.12
CA VAL B 26 2.51 20.90 14.19
C VAL B 26 1.34 21.89 14.20
N LEU B 27 1.02 22.45 13.03
CA LEU B 27 -0.09 23.39 12.89
C LEU B 27 -1.43 22.64 12.86
N SER B 28 -2.54 23.36 13.13
CA SER B 28 -3.90 22.82 13.16
C SER B 28 -4.32 22.20 11.82
N ASN B 29 -3.73 22.65 10.70
CA ASN B 29 -4.03 22.10 9.38
C ASN B 29 -3.27 20.78 9.09
N GLY B 30 -2.41 20.34 10.02
CA GLY B 30 -1.62 19.11 9.87
C GLY B 30 -0.23 19.27 9.30
N ASN B 31 0.15 20.50 8.90
CA ASN B 31 1.49 20.77 8.39
C ASN B 31 2.50 20.85 9.52
N ILE B 32 3.76 20.48 9.23
CA ILE B 32 4.87 20.61 10.16
C ILE B 32 5.55 21.95 9.87
N GLN B 33 5.71 22.79 10.89
CA GLN B 33 6.43 24.07 10.78
C GLN B 33 7.76 23.85 11.49
N LEU B 34 8.84 23.79 10.71
CA LEU B 34 10.18 23.48 11.19
C LEU B 34 10.83 24.57 12.10
N THR B 35 10.75 25.85 11.73
CA THR B 35 11.41 26.88 12.56
C THR B 35 10.42 27.79 13.35
N ASN B 36 10.92 28.42 14.42
CA ASN B 36 10.15 29.33 15.26
C ASN B 36 10.51 30.74 14.81
N LEU B 37 9.52 31.47 14.29
CA LEU B 37 9.68 32.82 13.72
C LEU B 37 10.15 33.90 14.73
N ASN B 38 10.05 33.65 16.05
CA ASN B 38 10.44 34.66 17.06
C ASN B 38 11.80 34.37 17.74
N LYS B 39 12.48 33.26 17.35
CA LYS B 39 13.74 32.83 17.94
C LYS B 39 14.93 33.09 17.02
N VAL B 40 16.07 33.51 17.61
CA VAL B 40 17.32 33.75 16.91
C VAL B 40 17.99 32.38 16.63
N ASN B 41 18.58 32.18 15.45
CA ASN B 41 19.27 30.93 15.06
C ASN B 41 18.39 29.70 15.26
N SER B 42 17.07 29.82 14.95
CA SER B 42 16.10 28.74 15.12
C SER B 42 16.46 27.54 14.26
N VAL B 43 16.36 26.34 14.84
CA VAL B 43 16.60 25.06 14.15
C VAL B 43 15.51 24.11 14.59
N GLY B 44 14.87 23.46 13.62
CA GLY B 44 13.86 22.44 13.85
C GLY B 44 14.06 21.30 12.87
N ARG B 45 13.94 20.06 13.36
CA ARG B 45 14.10 18.87 12.55
C ARG B 45 13.04 17.84 12.90
N VAL B 46 12.61 17.08 11.90
CA VAL B 46 11.66 15.97 12.08
C VAL B 46 12.32 14.73 11.50
N LEU B 47 12.27 13.61 12.23
CA LEU B 47 12.84 12.35 11.78
C LEU B 47 11.81 11.26 11.84
N TYR B 48 11.87 10.32 10.89
CA TYR B 48 11.02 9.13 11.01
C TYR B 48 11.63 8.38 12.19
N ALA B 49 10.81 8.04 13.21
CA ALA B 49 11.28 7.50 14.50
C ALA B 49 11.96 6.16 14.41
N MET B 50 11.60 5.33 13.44
CA MET B 50 12.21 4.01 13.31
C MET B 50 13.49 4.07 12.49
N PRO B 51 14.60 3.52 13.02
CA PRO B 51 15.84 3.50 12.21
C PRO B 51 15.62 2.65 10.96
N VAL B 52 16.30 2.99 9.89
CA VAL B 52 16.24 2.29 8.62
C VAL B 52 17.58 1.64 8.38
N ARG B 53 17.56 0.34 8.12
CA ARG B 53 18.76 -0.40 7.79
C ARG B 53 19.03 -0.21 6.30
N ILE B 54 19.96 0.71 5.94
CA ILE B 54 20.29 1.03 4.56
C ILE B 54 21.35 0.10 3.98
N TRP B 55 22.10 -0.62 4.83
CA TRP B 55 23.10 -1.56 4.33
C TRP B 55 23.40 -2.60 5.39
N SER B 56 23.92 -3.75 4.95
CA SER B 56 24.23 -4.86 5.86
C SER B 56 25.69 -5.25 5.73
N SER B 57 26.41 -5.20 6.85
CA SER B 57 27.85 -5.55 6.93
C SER B 57 28.07 -7.04 6.69
N ALA B 58 27.02 -7.87 6.83
CA ALA B 58 27.06 -9.32 6.64
C ALA B 58 27.05 -9.70 5.16
N THR B 59 26.14 -9.10 4.34
CA THR B 59 26.02 -9.42 2.91
C THR B 59 26.72 -8.42 1.99
N GLY B 60 26.93 -7.20 2.47
CA GLY B 60 27.48 -6.12 1.66
C GLY B 60 26.40 -5.44 0.82
N ASN B 61 25.13 -5.88 0.97
CA ASN B 61 24.00 -5.34 0.22
C ASN B 61 23.61 -3.93 0.69
N VAL B 62 23.14 -3.09 -0.25
CA VAL B 62 22.72 -1.71 0.02
C VAL B 62 21.24 -1.52 -0.43
N ALA B 63 20.43 -0.85 0.36
CA ALA B 63 19.02 -0.66 0.04
C ALA B 63 18.82 0.38 -1.04
N SER B 64 17.72 0.25 -1.77
CA SER B 64 17.26 1.26 -2.72
C SER B 64 16.09 1.90 -2.04
N PHE B 65 15.75 3.14 -2.41
CA PHE B 65 14.57 3.76 -1.84
C PHE B 65 13.94 4.75 -2.85
N LEU B 66 12.67 5.01 -2.62
CA LEU B 66 11.83 5.94 -3.37
C LEU B 66 11.13 6.79 -2.35
N THR B 67 11.25 8.11 -2.47
CA THR B 67 10.54 8.97 -1.49
C THR B 67 10.00 10.19 -2.20
N SER B 68 8.82 10.65 -1.77
CA SER B 68 8.19 11.85 -2.28
C SER B 68 7.71 12.71 -1.12
N PHE B 69 7.86 14.01 -1.24
CA PHE B 69 7.41 14.93 -0.21
C PHE B 69 7.05 16.26 -0.84
N SER B 70 6.27 17.05 -0.10
CA SER B 70 5.87 18.38 -0.51
C SER B 70 6.13 19.36 0.62
N PHE B 71 6.58 20.53 0.25
CA PHE B 71 6.89 21.57 1.22
C PHE B 71 6.45 22.91 0.69
N GLU B 72 6.56 23.90 1.58
CA GLU B 72 6.25 25.29 1.27
C GLU B 72 7.13 26.20 2.10
N MET B 73 7.70 27.19 1.46
CA MET B 73 8.45 28.24 2.15
C MET B 73 7.72 29.54 1.89
N LYS B 74 7.44 30.32 2.95
CA LYS B 74 6.72 31.58 2.81
C LYS B 74 7.43 32.72 3.56
N ASP B 75 7.56 33.87 2.89
CA ASP B 75 8.18 35.08 3.43
C ASP B 75 7.37 35.64 4.57
N ILE B 76 8.04 36.26 5.54
CA ILE B 76 7.38 36.95 6.65
C ILE B 76 7.89 38.38 6.59
N LYS B 77 7.09 39.31 7.12
CA LYS B 77 7.42 40.73 7.17
C LYS B 77 8.71 40.98 7.94
N ASP B 78 9.55 41.92 7.41
CA ASP B 78 10.79 42.48 7.98
C ASP B 78 12.04 41.56 7.90
N TYR B 79 11.89 40.23 7.97
CA TYR B 79 13.06 39.37 7.93
C TYR B 79 13.39 38.91 6.52
N ASP B 80 14.67 38.63 6.28
CA ASP B 80 15.15 38.08 5.03
C ASP B 80 14.68 36.63 4.87
N PRO B 81 14.03 36.24 3.74
CA PRO B 81 13.57 34.84 3.59
C PRO B 81 14.74 33.86 3.52
N ALA B 82 15.01 33.23 4.66
CA ALA B 82 16.13 32.32 4.83
C ALA B 82 15.86 31.34 6.00
N ASP B 83 16.57 30.17 6.10
CA ASP B 83 17.66 29.73 5.21
C ASP B 83 17.33 28.59 4.22
N GLY B 84 16.21 27.88 4.38
CA GLY B 84 15.85 26.76 3.52
C GLY B 84 15.61 25.49 4.29
N ILE B 85 15.36 24.41 3.54
CA ILE B 85 15.04 23.09 4.07
C ILE B 85 16.03 22.08 3.51
N ILE B 86 16.40 21.06 4.29
CA ILE B 86 17.22 19.96 3.83
C ILE B 86 16.53 18.61 4.16
N PHE B 87 16.41 17.76 3.15
CA PHE B 87 15.94 16.39 3.31
C PHE B 87 17.21 15.61 3.59
N PHE B 88 17.35 14.99 4.77
CA PHE B 88 18.64 14.36 5.07
C PHE B 88 18.53 12.96 5.65
N ILE B 89 19.67 12.27 5.61
CA ILE B 89 19.93 10.91 6.08
C ILE B 89 21.09 11.01 7.03
N ALA B 90 20.97 10.46 8.22
CA ALA B 90 22.07 10.61 9.18
C ALA B 90 22.12 9.42 10.15
N PRO B 91 23.22 9.24 10.93
CA PRO B 91 23.27 8.12 11.90
C PRO B 91 22.06 8.14 12.83
N GLU B 92 21.60 6.95 13.27
CA GLU B 92 20.40 6.87 14.12
C GLU B 92 20.47 7.75 15.40
N ASP B 93 21.67 8.05 15.95
CA ASP B 93 21.82 8.90 17.15
C ASP B 93 21.82 10.40 16.83
N THR B 94 21.52 10.81 15.58
CA THR B 94 21.61 12.20 15.12
C THR B 94 20.77 13.17 15.98
N GLN B 95 21.42 14.29 16.31
CA GLN B 95 20.82 15.37 17.06
C GLN B 95 21.24 16.70 16.42
N ILE B 96 20.48 17.77 16.68
CA ILE B 96 20.88 19.11 16.23
C ILE B 96 22.32 19.35 16.75
N PRO B 97 23.29 19.77 15.90
CA PRO B 97 24.66 19.98 16.41
C PRO B 97 24.69 20.90 17.64
N ALA B 98 25.43 20.50 18.68
CA ALA B 98 25.53 21.30 19.91
C ALA B 98 26.14 22.68 19.59
N GLY B 99 25.49 23.72 20.10
CA GLY B 99 25.86 25.12 19.88
C GLY B 99 25.59 25.58 18.46
N SER B 100 24.58 24.96 17.79
CA SER B 100 24.20 25.27 16.40
C SER B 100 23.90 26.75 16.18
N ILE B 101 24.49 27.32 15.15
CA ILE B 101 24.28 28.72 14.79
C ILE B 101 23.08 28.82 13.78
N GLY B 102 22.44 27.68 13.46
CA GLY B 102 21.36 27.67 12.49
C GLY B 102 21.84 28.25 11.17
N GLY B 103 21.09 29.19 10.61
CA GLY B 103 21.51 29.87 9.37
C GLY B 103 21.83 28.93 8.22
N GLY B 104 22.95 29.18 7.54
CA GLY B 104 23.45 28.42 6.40
C GLY B 104 23.81 26.97 6.70
N THR B 105 23.94 26.63 8.00
CA THR B 105 24.24 25.26 8.45
C THR B 105 23.02 24.32 8.18
N LEU B 106 21.79 24.91 8.02
CA LEU B 106 20.51 24.22 7.77
C LEU B 106 20.15 23.22 8.90
N GLY B 107 20.79 23.41 10.09
CA GLY B 107 20.57 22.56 11.26
C GLY B 107 21.20 21.17 11.19
N VAL B 108 22.11 20.93 10.24
CA VAL B 108 22.72 19.59 10.09
C VAL B 108 24.23 19.65 10.22
N SER B 109 24.82 20.85 10.22
CA SER B 109 26.27 20.95 10.27
C SER B 109 26.78 21.94 11.35
N ASP B 110 28.10 21.95 11.53
CA ASP B 110 28.76 22.86 12.45
C ASP B 110 28.98 24.22 11.73
N THR B 111 29.64 25.18 12.42
CA THR B 111 29.92 26.52 11.89
C THR B 111 30.72 26.45 10.58
N LYS B 112 31.66 25.49 10.46
CA LYS B 112 32.50 25.33 9.28
C LYS B 112 31.77 24.61 8.12
N GLY B 113 30.52 24.18 8.37
CA GLY B 113 29.66 23.52 7.38
C GLY B 113 29.80 22.03 7.26
N ALA B 114 30.50 21.41 8.20
CA ALA B 114 30.75 19.96 8.24
C ALA B 114 29.82 19.25 9.21
N GLY B 115 29.45 18.03 8.82
CA GLY B 115 28.58 17.19 9.62
C GLY B 115 28.62 15.76 9.10
N HIS B 116 27.81 14.89 9.71
CA HIS B 116 27.74 13.48 9.30
C HIS B 116 26.33 13.23 8.78
N PHE B 117 26.15 13.38 7.46
CA PHE B 117 24.84 13.27 6.82
C PHE B 117 24.96 13.24 5.31
N VAL B 118 23.88 12.86 4.65
CA VAL B 118 23.73 12.93 3.19
C VAL B 118 22.41 13.62 3.02
N GLY B 119 22.33 14.62 2.17
CA GLY B 119 21.07 15.32 1.99
C GLY B 119 20.83 16.04 0.69
N VAL B 120 19.61 16.52 0.53
CA VAL B 120 19.15 17.29 -0.63
C VAL B 120 18.62 18.59 -0.05
N GLU B 121 19.28 19.71 -0.37
CA GLU B 121 18.95 21.02 0.19
C GLU B 121 18.19 21.88 -0.80
N PHE B 122 17.26 22.65 -0.27
CA PHE B 122 16.45 23.63 -1.00
C PHE B 122 16.83 24.94 -0.36
N ASP B 123 17.94 25.48 -0.85
CA ASP B 123 18.66 26.60 -0.27
C ASP B 123 18.18 27.98 -0.79
N THR B 124 17.72 28.85 0.13
CA THR B 124 17.19 30.17 -0.24
C THR B 124 18.08 31.37 0.14
N TYR B 125 19.33 31.12 0.62
CA TYR B 125 20.29 32.19 0.95
C TYR B 125 21.72 31.81 0.53
N SER B 126 22.42 32.76 -0.16
CA SER B 126 23.77 32.51 -0.65
C SER B 126 24.83 32.85 0.40
N ASN B 127 25.29 31.81 1.12
CA ASN B 127 26.34 31.88 2.16
C ASN B 127 27.68 31.70 1.49
N SER B 128 28.49 32.78 1.38
CA SER B 128 29.80 32.72 0.73
C SER B 128 30.76 31.78 1.45
N GLU B 129 30.60 31.65 2.79
CA GLU B 129 31.43 30.81 3.67
C GLU B 129 31.26 29.31 3.33
N TYR B 130 30.15 28.94 2.66
CA TYR B 130 29.90 27.54 2.25
C TYR B 130 29.94 27.37 0.72
N ASN B 131 30.49 28.38 0.00
CA ASN B 131 30.65 28.45 -1.45
C ASN B 131 29.31 28.23 -2.19
N ASP B 132 28.23 28.83 -1.67
CA ASP B 132 26.90 28.77 -2.26
C ASP B 132 26.89 29.44 -3.62
N PRO B 133 26.11 28.91 -4.61
CA PRO B 133 25.97 29.64 -5.88
C PRO B 133 25.23 30.98 -5.63
N PRO B 134 25.24 31.96 -6.57
CA PRO B 134 24.65 33.28 -6.24
C PRO B 134 23.11 33.33 -6.12
N THR B 135 22.36 32.33 -6.66
CA THR B 135 20.89 32.31 -6.60
C THR B 135 20.36 31.12 -5.76
N ASP B 136 19.02 31.03 -5.55
CA ASP B 136 18.38 29.88 -4.87
C ASP B 136 18.78 28.61 -5.65
N HIS B 137 18.93 27.49 -4.93
CA HIS B 137 19.42 26.28 -5.58
C HIS B 137 19.02 25.05 -4.83
N VAL B 138 19.07 23.93 -5.56
CA VAL B 138 18.89 22.59 -5.00
C VAL B 138 20.29 22.02 -5.00
N GLY B 139 20.68 21.41 -3.90
CA GLY B 139 22.02 20.86 -3.84
C GLY B 139 22.04 19.46 -3.27
N ILE B 140 23.05 18.70 -3.65
CA ILE B 140 23.29 17.36 -3.12
C ILE B 140 24.49 17.54 -2.16
N ASP B 141 24.31 17.20 -0.89
CA ASP B 141 25.27 17.39 0.20
C ASP B 141 25.78 16.07 0.77
N VAL B 142 27.10 15.94 0.89
CA VAL B 142 27.75 14.76 1.45
C VAL B 142 28.68 15.24 2.56
N ASN B 143 28.21 15.16 3.82
CA ASN B 143 28.92 15.54 5.05
C ASN B 143 29.30 17.04 5.09
N SER B 144 28.65 17.85 4.26
CA SER B 144 28.92 19.29 4.18
C SER B 144 27.80 20.04 3.50
N VAL B 145 27.55 21.28 3.97
CA VAL B 145 26.60 22.20 3.34
C VAL B 145 27.30 22.94 2.18
N ASP B 146 28.57 22.62 1.93
CA ASP B 146 29.30 23.04 0.72
C ASP B 146 29.02 21.88 -0.26
N SER B 147 27.88 21.98 -0.96
CA SER B 147 27.33 20.91 -1.82
C SER B 147 28.33 20.33 -2.81
N VAL B 148 28.24 19.01 -3.01
CA VAL B 148 29.02 18.28 -4.03
C VAL B 148 28.56 18.77 -5.40
N LYS B 149 27.26 19.10 -5.53
CA LYS B 149 26.65 19.56 -6.76
C LYS B 149 25.41 20.40 -6.49
N THR B 150 25.17 21.40 -7.33
CA THR B 150 23.97 22.24 -7.21
C THR B 150 23.37 22.45 -8.59
N VAL B 151 22.12 22.89 -8.60
CA VAL B 151 21.40 23.26 -9.81
C VAL B 151 20.61 24.54 -9.49
N PRO B 152 20.58 25.56 -10.36
CA PRO B 152 19.79 26.77 -10.04
C PRO B 152 18.30 26.42 -9.96
N TRP B 153 17.62 27.09 -9.03
CA TRP B 153 16.21 26.87 -8.76
C TRP B 153 15.62 28.20 -8.27
N ASN B 154 14.31 28.28 -8.13
CA ASN B 154 13.67 29.51 -7.65
C ASN B 154 12.69 29.16 -6.55
N SER B 155 12.90 29.70 -5.33
CA SER B 155 11.96 29.44 -4.23
C SER B 155 10.90 30.54 -4.25
N VAL B 156 9.68 30.16 -4.61
CA VAL B 156 8.55 31.09 -4.71
C VAL B 156 7.80 31.06 -3.37
N SER B 157 7.64 32.23 -2.75
CA SER B 157 6.96 32.38 -1.47
C SER B 157 5.49 31.97 -1.57
N GLY B 158 5.08 31.06 -0.68
CA GLY B 158 3.73 30.53 -0.64
C GLY B 158 3.42 29.41 -1.64
N ALA B 159 4.42 29.01 -2.46
CA ALA B 159 4.21 27.96 -3.47
C ALA B 159 4.44 26.58 -2.89
N VAL B 160 3.56 25.64 -3.23
CA VAL B 160 3.71 24.24 -2.80
C VAL B 160 4.66 23.57 -3.79
N VAL B 161 5.75 22.99 -3.28
CA VAL B 161 6.77 22.32 -4.09
C VAL B 161 6.68 20.79 -3.87
N LYS B 162 6.73 20.02 -4.96
CA LYS B 162 6.70 18.57 -4.93
C LYS B 162 8.09 18.03 -5.32
N VAL B 163 8.59 17.07 -4.53
CA VAL B 163 9.89 16.47 -4.76
C VAL B 163 9.75 14.94 -4.80
N THR B 164 10.51 14.31 -5.67
CA THR B 164 10.60 12.87 -5.80
C THR B 164 12.07 12.55 -5.82
N VAL B 165 12.49 11.57 -5.02
CA VAL B 165 13.88 11.16 -4.91
C VAL B 165 13.99 9.63 -5.07
N ILE B 166 14.94 9.20 -5.90
CA ILE B 166 15.22 7.78 -6.13
C ILE B 166 16.67 7.51 -5.80
N TYR B 167 16.91 6.52 -4.94
CA TYR B 167 18.28 6.09 -4.72
C TYR B 167 18.40 4.67 -5.26
N ASP B 168 19.21 4.51 -6.32
CA ASP B 168 19.44 3.20 -6.93
C ASP B 168 20.73 2.60 -6.34
N SER B 169 20.62 1.59 -5.50
CA SER B 169 21.79 1.01 -4.82
C SER B 169 22.88 0.46 -5.76
N SER B 170 22.52 -0.22 -6.87
CA SER B 170 23.51 -0.81 -7.82
C SER B 170 24.47 0.25 -8.43
N THR B 171 23.94 1.40 -8.88
CA THR B 171 24.75 2.47 -9.46
C THR B 171 25.15 3.52 -8.42
N LYS B 172 24.57 3.43 -7.20
CA LYS B 172 24.78 4.36 -6.08
C LYS B 172 24.32 5.79 -6.48
N THR B 173 23.33 5.88 -7.39
CA THR B 173 22.87 7.17 -7.90
C THR B 173 21.69 7.67 -7.10
N LEU B 174 21.79 8.92 -6.63
CA LEU B 174 20.73 9.65 -5.95
C LEU B 174 20.16 10.64 -6.97
N SER B 175 18.93 10.39 -7.45
CA SER B 175 18.28 11.24 -8.46
C SER B 175 17.14 12.01 -7.80
N VAL B 176 16.99 13.29 -8.15
CA VAL B 176 16.01 14.22 -7.56
C VAL B 176 15.25 14.96 -8.65
N ALA B 177 13.93 15.01 -8.53
CA ALA B 177 13.07 15.77 -9.45
C ALA B 177 12.20 16.69 -8.61
N VAL B 178 12.27 17.99 -8.90
CA VAL B 178 11.56 19.05 -8.17
C VAL B 178 10.54 19.71 -9.13
N THR B 179 9.28 19.67 -8.78
CA THR B 179 8.19 20.24 -9.56
C THR B 179 7.78 21.54 -8.94
N ASN B 180 8.12 22.62 -9.66
CA ASN B 180 7.88 24.03 -9.40
C ASN B 180 6.41 24.43 -9.65
N ASP B 181 6.05 25.65 -9.22
CA ASP B 181 4.71 26.23 -9.32
C ASP B 181 4.38 26.59 -10.78
N ASN B 182 5.36 27.11 -11.54
CA ASN B 182 5.22 27.50 -12.94
C ASN B 182 5.12 26.26 -13.90
N GLY B 183 5.09 25.05 -13.32
CA GLY B 183 4.96 23.78 -14.03
C GLY B 183 6.23 23.09 -14.50
N ASP B 184 7.35 23.84 -14.58
CA ASP B 184 8.63 23.31 -15.00
C ASP B 184 9.21 22.32 -13.96
N ILE B 185 10.04 21.38 -14.44
CA ILE B 185 10.73 20.44 -13.57
C ILE B 185 12.21 20.81 -13.54
N THR B 186 12.83 20.63 -12.38
CA THR B 186 14.25 20.82 -12.09
C THR B 186 14.78 19.46 -11.64
N THR B 187 15.90 18.99 -12.17
CA THR B 187 16.46 17.72 -11.72
C THR B 187 17.94 17.88 -11.34
N ILE B 188 18.42 16.96 -10.52
CA ILE B 188 19.80 16.89 -10.10
C ILE B 188 20.06 15.45 -9.70
N ALA B 189 21.23 14.93 -10.06
CA ALA B 189 21.59 13.57 -9.72
C ALA B 189 23.08 13.51 -9.41
N GLN B 190 23.46 12.59 -8.54
CA GLN B 190 24.85 12.46 -8.14
C GLN B 190 25.09 11.06 -7.62
N VAL B 191 26.23 10.48 -7.96
CA VAL B 191 26.59 9.19 -7.40
C VAL B 191 27.07 9.44 -5.97
N VAL B 192 26.42 8.81 -4.97
CA VAL B 192 26.76 8.90 -3.53
C VAL B 192 26.79 7.47 -3.01
N ASP B 193 27.94 7.03 -2.46
CA ASP B 193 28.04 5.70 -1.90
C ASP B 193 27.56 5.75 -0.42
N LEU B 194 26.26 5.46 -0.17
CA LEU B 194 25.72 5.53 1.19
C LEU B 194 26.42 4.53 2.13
N LYS B 195 26.87 3.35 1.62
CA LYS B 195 27.61 2.31 2.39
C LYS B 195 28.97 2.85 2.89
N ALA B 196 29.59 3.76 2.13
CA ALA B 196 30.89 4.36 2.48
C ALA B 196 30.75 5.59 3.36
N LYS B 197 29.63 6.32 3.23
CA LYS B 197 29.45 7.58 3.94
C LYS B 197 28.60 7.45 5.19
N LEU B 198 27.80 6.40 5.31
CA LEU B 198 26.90 6.33 6.44
C LEU B 198 26.94 4.97 7.19
N PRO B 199 26.53 4.93 8.48
CA PRO B 199 26.43 3.64 9.19
C PRO B 199 25.29 2.77 8.63
N GLU B 200 25.26 1.50 9.09
CA GLU B 200 24.23 0.55 8.63
C GLU B 200 22.80 1.01 8.94
N ARG B 201 22.56 1.54 10.14
CA ARG B 201 21.25 2.01 10.57
C ARG B 201 21.26 3.51 10.55
N VAL B 202 20.25 4.09 9.91
CA VAL B 202 20.15 5.56 9.76
C VAL B 202 18.73 6.08 10.03
N LYS B 203 18.61 7.40 10.20
CA LYS B 203 17.33 8.04 10.29
C LYS B 203 17.20 9.02 9.12
N PHE B 204 15.98 9.12 8.58
CA PHE B 204 15.58 10.01 7.49
C PHE B 204 14.75 11.11 8.07
N GLY B 205 14.85 12.30 7.51
CA GLY B 205 14.08 13.42 8.04
C GLY B 205 14.33 14.71 7.31
N PHE B 206 13.80 15.79 7.87
CA PHE B 206 13.90 17.15 7.34
C PHE B 206 14.42 18.09 8.42
N SER B 207 15.18 19.11 8.01
CA SER B 207 15.69 20.12 8.90
C SER B 207 15.60 21.47 8.20
N ALA B 208 15.43 22.53 8.98
CA ALA B 208 15.40 23.91 8.49
C ALA B 208 15.95 24.82 9.59
N SER B 209 16.41 25.98 9.19
CA SER B 209 16.99 26.90 10.14
C SER B 209 16.84 28.35 9.68
N GLY B 210 17.05 29.23 10.63
CA GLY B 210 17.06 30.68 10.42
C GLY B 210 18.21 31.30 11.18
N SER B 211 18.32 32.62 11.11
CA SER B 211 19.35 33.34 11.83
C SER B 211 18.69 34.51 12.59
N LEU B 212 19.47 35.55 12.92
CA LEU B 212 18.88 36.72 13.60
C LEU B 212 17.94 37.46 12.62
N GLY B 213 18.43 37.84 11.46
CA GLY B 213 17.65 38.59 10.49
C GLY B 213 17.09 37.78 9.35
N GLY B 214 17.43 36.49 9.33
CA GLY B 214 17.03 35.54 8.28
C GLY B 214 16.02 34.55 8.79
N ARG B 215 14.75 34.82 8.55
CA ARG B 215 13.67 33.96 9.02
C ARG B 215 12.56 33.85 7.98
N GLN B 216 11.92 32.66 7.90
CA GLN B 216 10.80 32.44 7.00
C GLN B 216 10.00 31.23 7.49
N ILE B 217 8.78 31.09 7.01
CA ILE B 217 7.98 29.92 7.37
C ILE B 217 8.53 28.72 6.54
N HIS B 218 8.87 27.59 7.20
CA HIS B 218 9.34 26.34 6.53
C HIS B 218 8.35 25.24 6.86
N LEU B 219 7.53 24.83 5.88
CA LEU B 219 6.50 23.82 6.12
C LEU B 219 6.72 22.50 5.38
N ILE B 220 6.49 21.38 6.06
CA ILE B 220 6.48 20.05 5.45
C ILE B 220 5.02 19.65 5.42
N ARG B 221 4.49 19.44 4.22
CA ARG B 221 3.07 19.15 4.00
C ARG B 221 2.72 17.67 3.92
N SER B 222 3.59 16.87 3.28
CA SER B 222 3.35 15.43 3.12
C SER B 222 4.66 14.72 2.87
N TRP B 223 4.68 13.40 3.12
CA TRP B 223 5.88 12.58 2.96
C TRP B 223 5.52 11.12 2.82
N SER B 224 5.96 10.48 1.73
CA SER B 224 5.81 9.03 1.50
C SER B 224 7.19 8.47 1.28
N PHE B 225 7.44 7.24 1.72
CA PHE B 225 8.75 6.63 1.62
C PHE B 225 8.66 5.11 1.54
N THR B 226 9.54 4.52 0.73
CA THR B 226 9.68 3.06 0.64
C THR B 226 11.14 2.75 0.41
N SER B 227 11.70 1.86 1.23
CA SER B 227 13.07 1.38 1.09
C SER B 227 13.05 -0.13 1.12
N THR B 228 13.88 -0.78 0.30
CA THR B 228 13.97 -2.24 0.26
C THR B 228 15.43 -2.64 0.21
N LEU B 229 15.83 -3.49 1.18
CA LEU B 229 17.16 -4.06 1.33
C LEU B 229 17.07 -5.58 1.11
N ILE B 230 17.83 -6.08 0.13
CA ILE B 230 17.87 -7.51 -0.19
C ILE B 230 18.62 -8.22 0.94
N THR B 231 17.99 -9.25 1.51
CA THR B 231 18.53 -10.03 2.62
C THR B 231 18.95 -11.44 2.19
N THR B 232 19.93 -12.01 2.91
CA THR B 232 20.47 -13.37 2.76
C THR B 232 19.35 -14.42 2.88
N ALA C 1 12.46 28.58 -20.63
CA ALA C 1 12.50 27.12 -20.76
C ALA C 1 11.24 26.58 -21.43
N GLU C 2 11.42 25.49 -22.20
CA GLU C 2 10.38 24.79 -22.94
C GLU C 2 9.94 23.55 -22.17
N THR C 3 8.68 23.55 -21.71
CA THR C 3 8.10 22.48 -20.90
C THR C 3 6.86 21.85 -21.55
N VAL C 4 6.82 20.51 -21.54
CA VAL C 4 5.70 19.69 -21.96
C VAL C 4 5.18 18.99 -20.70
N SER C 5 3.91 19.14 -20.40
CA SER C 5 3.31 18.53 -19.22
C SER C 5 1.92 17.98 -19.54
N PHE C 6 1.61 16.78 -19.06
CA PHE C 6 0.28 16.21 -19.23
C PHE C 6 0.01 15.21 -18.10
N ASN C 7 -1.28 14.86 -17.94
CA ASN C 7 -1.71 13.90 -16.93
C ASN C 7 -2.97 13.20 -17.42
N PHE C 8 -2.93 11.86 -17.45
CA PHE C 8 -4.03 10.99 -17.83
C PHE C 8 -4.43 10.14 -16.64
N ASN C 9 -5.64 10.36 -16.12
CA ASN C 9 -6.21 9.55 -15.04
C ASN C 9 -7.00 8.41 -15.66
N SER C 10 -7.36 8.60 -16.93
CA SER C 10 -8.10 7.70 -17.82
C SER C 10 -7.79 8.07 -19.27
N PHE C 11 -8.11 7.17 -20.21
CA PHE C 11 -7.87 7.37 -21.63
C PHE C 11 -9.13 7.12 -22.44
N SER C 12 -9.30 7.80 -23.57
CA SER C 12 -10.44 7.53 -24.44
C SER C 12 -9.93 7.38 -25.84
N GLU C 13 -10.45 6.39 -26.56
CA GLU C 13 -10.06 6.05 -27.93
C GLU C 13 -10.43 7.14 -28.95
N GLY C 14 -11.32 8.05 -28.57
CA GLY C 14 -11.76 9.14 -29.42
C GLY C 14 -11.23 10.50 -29.01
N ASN C 15 -9.99 10.51 -28.48
CA ASN C 15 -9.28 11.73 -28.06
C ASN C 15 -8.03 11.88 -28.91
N PRO C 16 -7.73 13.12 -29.41
CA PRO C 16 -6.58 13.28 -30.31
C PRO C 16 -5.20 13.31 -29.63
N ALA C 17 -5.13 13.42 -28.28
CA ALA C 17 -3.87 13.51 -27.55
C ALA C 17 -3.06 12.21 -27.59
N ILE C 18 -3.69 11.10 -27.98
CA ILE C 18 -3.00 9.81 -28.03
C ILE C 18 -3.12 9.16 -29.43
N ASN C 19 -2.05 8.52 -29.90
CA ASN C 19 -1.97 7.75 -31.14
C ASN C 19 -2.04 6.27 -30.79
N PHE C 20 -3.01 5.55 -31.36
CA PHE C 20 -3.19 4.12 -31.12
C PHE C 20 -2.63 3.33 -32.29
N GLN C 21 -1.81 2.30 -32.01
CA GLN C 21 -1.18 1.49 -33.03
C GLN C 21 -1.44 0.03 -32.79
N GLY C 22 -1.83 -0.69 -33.83
CA GLY C 22 -2.06 -2.12 -33.75
C GLY C 22 -3.33 -2.53 -33.02
N ASP C 23 -3.21 -3.55 -32.14
CA ASP C 23 -4.30 -4.21 -31.43
C ASP C 23 -4.74 -3.53 -30.10
N VAL C 24 -4.43 -2.24 -29.89
CA VAL C 24 -4.84 -1.50 -28.68
C VAL C 24 -6.32 -1.19 -28.71
N THR C 25 -6.96 -1.35 -27.56
CA THR C 25 -8.34 -1.00 -27.32
C THR C 25 -8.41 -0.19 -26.03
N VAL C 26 -9.45 0.63 -25.88
CA VAL C 26 -9.71 1.38 -24.66
C VAL C 26 -10.95 0.71 -24.03
N LEU C 27 -10.83 0.24 -22.78
CA LEU C 27 -11.96 -0.37 -22.07
C LEU C 27 -12.87 0.74 -21.53
N SER C 28 -14.15 0.40 -21.24
CA SER C 28 -15.17 1.31 -20.71
C SER C 28 -14.73 1.94 -19.38
N ASN C 29 -13.86 1.24 -18.60
CA ASN C 29 -13.32 1.72 -17.33
C ASN C 29 -12.22 2.78 -17.53
N GLY C 30 -11.84 3.02 -18.80
CA GLY C 30 -10.84 4.01 -19.19
C GLY C 30 -9.42 3.50 -19.34
N ASN C 31 -9.17 2.24 -19.02
CA ASN C 31 -7.84 1.60 -19.14
C ASN C 31 -7.52 1.30 -20.58
N ILE C 32 -6.23 1.30 -20.91
CA ILE C 32 -5.75 0.92 -22.23
C ILE C 32 -5.32 -0.52 -22.14
N GLN C 33 -5.83 -1.37 -23.06
CA GLN C 33 -5.46 -2.78 -23.19
C GLN C 33 -4.64 -2.86 -24.44
N LEU C 34 -3.35 -3.17 -24.30
CA LEU C 34 -2.44 -3.13 -25.44
C LEU C 34 -2.60 -4.34 -26.40
N THR C 35 -2.69 -5.58 -25.89
CA THR C 35 -2.79 -6.74 -26.80
C THR C 35 -4.19 -7.38 -26.89
N ASN C 36 -4.45 -8.09 -28.01
CA ASN C 36 -5.70 -8.80 -28.27
C ASN C 36 -5.46 -10.27 -27.91
N LEU C 37 -6.21 -10.76 -26.91
CA LEU C 37 -6.10 -12.11 -26.35
C LEU C 37 -6.43 -13.25 -27.35
N ASN C 38 -7.12 -12.96 -28.46
CA ASN C 38 -7.51 -13.99 -29.44
C ASN C 38 -6.64 -14.02 -30.71
N LYS C 39 -5.63 -13.13 -30.81
CA LYS C 39 -4.75 -12.99 -31.98
C LYS C 39 -3.36 -13.55 -31.74
N VAL C 40 -2.78 -14.25 -32.75
CA VAL C 40 -1.40 -14.79 -32.70
C VAL C 40 -0.44 -13.61 -32.96
N ASN C 41 0.69 -13.55 -32.21
CA ASN C 41 1.74 -12.51 -32.34
C ASN C 41 1.13 -11.08 -32.23
N SER C 42 0.16 -10.90 -31.32
CA SER C 42 -0.51 -9.61 -31.13
C SER C 42 0.46 -8.53 -30.66
N VAL C 43 0.33 -7.31 -31.23
CA VAL C 43 1.15 -6.14 -30.86
C VAL C 43 0.23 -4.94 -30.81
N GLY C 44 0.37 -4.18 -29.73
CA GLY C 44 -0.37 -2.95 -29.53
C GLY C 44 0.51 -1.91 -28.88
N ARG C 45 0.42 -0.66 -29.36
CA ARG C 45 1.21 0.44 -28.82
C ARG C 45 0.40 1.70 -28.70
N VAL C 46 0.79 2.54 -27.73
CA VAL C 46 0.12 3.85 -27.47
C VAL C 46 1.19 4.94 -27.36
N LEU C 47 0.99 6.07 -28.03
CA LEU C 47 1.96 7.18 -28.03
C LEU C 47 1.29 8.47 -27.72
N TYR C 48 1.98 9.37 -26.98
CA TYR C 48 1.47 10.71 -26.79
C TYR C 48 1.61 11.35 -28.19
N ALA C 49 0.50 11.88 -28.74
CA ALA C 49 0.44 12.32 -30.14
C ALA C 49 1.35 13.49 -30.49
N MET C 50 1.65 14.38 -29.53
CA MET C 50 2.52 15.51 -29.82
C MET C 50 3.98 15.13 -29.68
N PRO C 51 4.82 15.39 -30.71
CA PRO C 51 6.25 15.10 -30.55
C PRO C 51 6.82 16.02 -29.46
N VAL C 52 7.72 15.49 -28.61
CA VAL C 52 8.36 16.24 -27.56
C VAL C 52 9.84 16.47 -27.94
N ARG C 53 10.28 17.74 -27.91
CA ARG C 53 11.65 18.17 -28.21
C ARG C 53 12.55 17.85 -26.99
N ILE C 54 13.36 16.78 -27.09
CA ILE C 54 14.22 16.31 -26.00
C ILE C 54 15.60 16.91 -26.08
N TRP C 55 16.01 17.42 -27.27
CA TRP C 55 17.30 18.09 -27.37
C TRP C 55 17.32 19.09 -28.49
N SER C 56 18.29 20.01 -28.45
CA SER C 56 18.42 21.11 -29.40
C SER C 56 19.74 21.02 -30.18
N SER C 57 19.65 21.03 -31.53
CA SER C 57 20.86 21.07 -32.37
C SER C 57 21.47 22.49 -32.38
N ALA C 58 20.70 23.50 -31.93
CA ALA C 58 21.17 24.88 -31.87
C ALA C 58 21.99 25.14 -30.60
N THR C 59 21.49 24.71 -29.43
CA THR C 59 22.17 24.97 -28.14
C THR C 59 22.96 23.77 -27.62
N GLY C 60 22.60 22.56 -28.07
CA GLY C 60 23.18 21.32 -27.56
C GLY C 60 22.56 20.89 -26.23
N ASN C 61 21.55 21.64 -25.74
CA ASN C 61 20.87 21.35 -24.48
C ASN C 61 19.98 20.11 -24.60
N VAL C 62 19.89 19.34 -23.49
CA VAL C 62 19.07 18.11 -23.43
C VAL C 62 18.04 18.29 -22.29
N ALA C 63 16.79 17.86 -22.55
CA ALA C 63 15.74 18.01 -21.55
C ALA C 63 15.89 17.03 -20.41
N SER C 64 15.35 17.39 -19.25
CA SER C 64 15.19 16.48 -18.13
C SER C 64 13.72 16.13 -18.11
N PHE C 65 13.33 15.00 -17.53
CA PHE C 65 11.93 14.70 -17.41
C PHE C 65 11.64 13.84 -16.19
N LEU C 66 10.39 13.89 -15.76
CA LEU C 66 9.80 13.13 -14.65
C LEU C 66 8.54 12.53 -15.17
N THR C 67 8.40 11.22 -15.07
CA THR C 67 7.17 10.59 -15.54
C THR C 67 6.77 9.48 -14.60
N SER C 68 5.47 9.32 -14.38
CA SER C 68 4.91 8.27 -13.55
C SER C 68 3.76 7.61 -14.28
N PHE C 69 3.64 6.31 -14.14
CA PHE C 69 2.55 5.57 -14.75
C PHE C 69 2.23 4.35 -13.92
N SER C 70 1.03 3.82 -14.12
CA SER C 70 0.59 2.61 -13.46
C SER C 70 0.04 1.63 -14.50
N PHE C 71 0.36 0.36 -14.31
CA PHE C 71 -0.06 -0.69 -15.20
C PHE C 71 -0.50 -1.91 -14.44
N GLU C 72 -1.05 -2.88 -15.17
CA GLU C 72 -1.44 -4.17 -14.63
C GLU C 72 -1.26 -5.25 -15.69
N MET C 73 -0.71 -6.37 -15.30
CA MET C 73 -0.61 -7.55 -16.14
C MET C 73 -1.37 -8.67 -15.44
N LYS C 74 -2.26 -9.35 -16.18
CA LYS C 74 -3.09 -10.40 -15.61
C LYS C 74 -3.05 -11.64 -16.49
N ASP C 75 -2.86 -12.81 -15.85
CA ASP C 75 -2.84 -14.11 -16.51
C ASP C 75 -4.20 -14.44 -17.06
N ILE C 76 -4.21 -15.21 -18.13
CA ILE C 76 -5.43 -15.74 -18.72
C ILE C 76 -5.21 -17.24 -18.79
N LYS C 77 -6.30 -18.00 -18.67
CA LYS C 77 -6.27 -19.45 -18.70
C LYS C 77 -5.82 -19.95 -20.06
N ASP C 78 -5.01 -21.03 -20.02
CA ASP C 78 -4.52 -21.86 -21.13
C ASP C 78 -3.37 -21.20 -21.94
N TYR C 79 -2.99 -19.95 -21.65
CA TYR C 79 -1.85 -19.30 -22.33
C TYR C 79 -0.77 -18.87 -21.35
N ASP C 80 0.51 -18.95 -21.75
CA ASP C 80 1.65 -18.51 -20.95
C ASP C 80 1.54 -17.03 -20.65
N PRO C 81 1.82 -16.56 -19.41
CA PRO C 81 1.74 -15.10 -19.18
C PRO C 81 2.96 -14.42 -19.82
N ALA C 82 2.75 -13.91 -21.04
CA ALA C 82 3.81 -13.29 -21.83
C ALA C 82 3.21 -12.23 -22.79
N ASP C 83 4.02 -11.25 -23.28
CA ASP C 83 5.49 -11.15 -23.09
C ASP C 83 5.98 -10.02 -22.18
N GLY C 84 5.16 -8.99 -22.00
CA GLY C 84 5.50 -7.85 -21.17
C GLY C 84 5.16 -6.52 -21.79
N ILE C 85 5.37 -5.43 -21.03
CA ILE C 85 5.14 -4.05 -21.44
C ILE C 85 6.48 -3.31 -21.51
N ILE C 86 6.63 -2.38 -22.48
CA ILE C 86 7.81 -1.52 -22.54
C ILE C 86 7.36 -0.06 -22.63
N PHE C 87 7.93 0.78 -21.75
CA PHE C 87 7.73 2.22 -21.79
C PHE C 87 8.84 2.70 -22.71
N PHE C 88 8.52 3.29 -23.86
CA PHE C 88 9.60 3.63 -24.78
C PHE C 88 9.52 5.06 -25.33
N ILE C 89 10.68 5.48 -25.86
CA ILE C 89 10.97 6.76 -26.49
C ILE C 89 11.49 6.44 -27.90
N ALA C 90 10.98 7.08 -28.89
CA ALA C 90 11.40 6.70 -30.28
C ALA C 90 11.20 7.84 -31.24
N PRO C 91 11.76 7.76 -32.48
CA PRO C 91 11.55 8.86 -33.44
C PRO C 91 10.06 9.16 -33.66
N GLU C 92 9.71 10.41 -34.03
CA GLU C 92 8.31 10.79 -34.18
C GLU C 92 7.53 9.98 -35.24
N ASP C 93 8.21 9.37 -36.24
CA ASP C 93 7.57 8.54 -37.26
C ASP C 93 7.49 7.04 -36.86
N THR C 94 7.71 6.71 -35.58
CA THR C 94 7.76 5.32 -35.12
C THR C 94 6.45 4.55 -35.41
N GLN C 95 6.60 3.33 -35.93
CA GLN C 95 5.51 2.41 -36.24
C GLN C 95 5.86 1.01 -35.79
N ILE C 96 4.85 0.14 -35.59
CA ILE C 96 5.11 -1.27 -35.25
C ILE C 96 6.02 -1.84 -36.36
N PRO C 97 7.16 -2.50 -36.05
CA PRO C 97 8.01 -3.04 -37.11
C PRO C 97 7.22 -3.92 -38.09
N ALA C 98 7.45 -3.71 -39.40
CA ALA C 98 6.77 -4.45 -40.47
C ALA C 98 7.04 -5.95 -40.34
N GLY C 99 5.97 -6.75 -40.37
CA GLY C 99 6.03 -8.20 -40.22
C GLY C 99 6.45 -8.64 -38.83
N SER C 100 6.06 -7.83 -37.81
CA SER C 100 6.39 -8.08 -36.40
C SER C 100 5.93 -9.45 -35.91
N ILE C 101 6.84 -10.17 -35.28
CA ILE C 101 6.57 -11.49 -34.72
C ILE C 101 6.03 -11.37 -33.28
N GLY C 102 5.88 -10.13 -32.79
CA GLY C 102 5.45 -9.86 -31.42
C GLY C 102 6.40 -10.53 -30.45
N GLY C 103 5.85 -11.26 -29.49
CA GLY C 103 6.66 -12.01 -28.54
C GLY C 103 7.76 -11.22 -27.85
N GLY C 104 8.95 -11.78 -27.81
CA GLY C 104 10.13 -11.20 -27.16
C GLY C 104 10.56 -9.84 -27.67
N THR C 105 10.03 -9.40 -28.83
CA THR C 105 10.35 -8.11 -29.44
C THR C 105 9.64 -6.97 -28.72
N LEU C 106 8.58 -7.31 -27.95
CA LEU C 106 7.76 -6.36 -27.19
C LEU C 106 7.13 -5.27 -28.11
N GLY C 107 7.05 -5.57 -29.40
CA GLY C 107 6.49 -4.67 -30.42
C GLY C 107 7.34 -3.46 -30.80
N VAL C 108 8.63 -3.46 -30.41
CA VAL C 108 9.49 -2.30 -30.69
C VAL C 108 10.72 -2.69 -31.53
N SER C 109 10.97 -3.99 -31.70
CA SER C 109 12.17 -4.42 -32.43
C SER C 109 11.88 -5.46 -33.51
N ASP C 110 12.91 -5.78 -34.31
CA ASP C 110 12.83 -6.80 -35.34
C ASP C 110 13.05 -8.18 -34.70
N THR C 111 13.06 -9.25 -35.51
CA THR C 111 13.26 -10.64 -35.07
C THR C 111 14.61 -10.80 -34.34
N LYS C 112 15.66 -10.08 -34.77
CA LYS C 112 17.00 -10.15 -34.17
C LYS C 112 17.10 -9.30 -32.87
N GLY C 113 16.02 -8.59 -32.52
CA GLY C 113 15.91 -7.79 -31.31
C GLY C 113 16.40 -6.36 -31.39
N ALA C 114 16.68 -5.89 -32.61
CA ALA C 114 17.18 -4.54 -32.85
C ALA C 114 16.06 -3.59 -33.32
N GLY C 115 16.15 -2.34 -32.90
CA GLY C 115 15.21 -1.29 -33.25
C GLY C 115 15.78 0.09 -32.95
N HIS C 116 14.98 1.14 -33.17
CA HIS C 116 15.40 2.51 -32.89
C HIS C 116 14.49 3.05 -31.79
N PHE C 117 14.95 2.90 -30.52
CA PHE C 117 14.19 3.30 -29.35
C PHE C 117 15.06 3.25 -28.08
N VAL C 118 14.58 3.89 -27.03
CA VAL C 118 15.14 3.81 -25.69
C VAL C 118 13.95 3.43 -24.83
N GLY C 119 14.09 2.42 -23.98
CA GLY C 119 12.94 2.01 -23.19
C GLY C 119 13.23 1.35 -21.87
N VAL C 120 12.18 1.19 -21.08
CA VAL C 120 12.17 0.51 -19.78
C VAL C 120 11.17 -0.62 -19.94
N GLU C 121 11.66 -1.86 -20.01
CA GLU C 121 10.77 -3.00 -20.19
C GLU C 121 10.45 -3.70 -18.85
N PHE C 122 9.24 -4.24 -18.76
CA PHE C 122 8.68 -5.04 -17.66
C PHE C 122 8.41 -6.39 -18.28
N ASP C 123 9.49 -7.16 -18.42
CA ASP C 123 9.52 -8.41 -19.16
C ASP C 123 9.16 -9.60 -18.29
N THR C 124 8.19 -10.40 -18.77
CA THR C 124 7.61 -11.55 -18.06
C THR C 124 7.91 -12.93 -18.72
N TYR C 125 8.81 -12.97 -19.72
CA TYR C 125 9.22 -14.21 -20.39
C TYR C 125 10.71 -14.17 -20.69
N SER C 126 11.44 -15.26 -20.37
CA SER C 126 12.87 -15.35 -20.63
C SER C 126 13.16 -15.88 -22.03
N ASN C 127 13.49 -14.96 -22.95
CA ASN C 127 13.87 -15.27 -24.33
C ASN C 127 15.38 -15.43 -24.39
N SER C 128 15.86 -16.68 -24.58
CA SER C 128 17.30 -16.98 -24.67
C SER C 128 17.94 -16.28 -25.88
N GLU C 129 17.16 -16.07 -26.97
CA GLU C 129 17.58 -15.40 -28.21
C GLU C 129 17.95 -13.92 -27.96
N TYR C 130 17.42 -13.29 -26.89
CA TYR C 130 17.72 -11.90 -26.56
C TYR C 130 18.54 -11.79 -25.23
N ASN C 131 19.13 -12.92 -24.80
CA ASN C 131 19.97 -13.09 -23.59
C ASN C 131 19.24 -12.58 -22.32
N ASP C 132 17.93 -12.85 -22.22
CA ASP C 132 17.11 -12.49 -21.08
C ASP C 132 17.57 -13.20 -19.81
N PRO C 133 17.51 -12.55 -18.62
CA PRO C 133 17.82 -13.28 -17.38
C PRO C 133 16.79 -14.39 -17.12
N PRO C 134 17.05 -15.39 -16.22
CA PRO C 134 16.10 -16.51 -16.09
C PRO C 134 14.71 -16.19 -15.49
N THR C 135 14.54 -15.07 -14.76
CA THR C 135 13.26 -14.71 -14.13
C THR C 135 12.65 -13.42 -14.73
N ASP C 136 11.44 -13.01 -14.25
CA ASP C 136 10.81 -11.72 -14.61
C ASP C 136 11.79 -10.61 -14.26
N HIS C 137 11.84 -9.55 -15.05
CA HIS C 137 12.80 -8.50 -14.81
C HIS C 137 12.41 -7.16 -15.42
N VAL C 138 12.99 -6.10 -14.87
CA VAL C 138 12.87 -4.75 -15.41
C VAL C 138 14.18 -4.51 -16.11
N GLY C 139 14.13 -3.99 -17.32
CA GLY C 139 15.35 -3.74 -18.08
C GLY C 139 15.40 -2.36 -18.70
N ILE C 140 16.60 -1.84 -18.94
CA ILE C 140 16.85 -0.57 -19.62
C ILE C 140 17.42 -0.97 -20.98
N ASP C 141 16.69 -0.62 -22.02
CA ASP C 141 16.94 -0.97 -23.42
C ASP C 141 17.37 0.22 -24.27
N VAL C 142 18.46 0.04 -25.03
CA VAL C 142 18.98 1.06 -25.93
C VAL C 142 19.11 0.41 -27.31
N ASN C 143 18.11 0.63 -28.18
CA ASN C 143 18.03 0.13 -29.56
C ASN C 143 18.04 -1.41 -29.65
N SER C 144 17.71 -2.10 -28.54
CA SER C 144 17.70 -3.55 -28.48
C SER C 144 16.91 -4.07 -27.30
N VAL C 145 16.23 -5.22 -27.48
CA VAL C 145 15.53 -5.90 -26.40
C VAL C 145 16.54 -6.83 -25.66
N ASP C 146 17.83 -6.79 -26.07
CA ASP C 146 18.93 -7.40 -25.33
C ASP C 146 19.40 -6.26 -24.45
N SER C 147 18.74 -6.12 -23.27
CA SER C 147 18.89 -5.00 -22.35
C SER C 147 20.32 -4.67 -22.00
N VAL C 148 20.60 -3.36 -21.89
CA VAL C 148 21.90 -2.84 -21.45
C VAL C 148 22.09 -3.27 -19.98
N LYS C 149 20.98 -3.31 -19.22
CA LYS C 149 20.97 -3.69 -17.82
C LYS C 149 19.60 -4.22 -17.41
N THR C 150 19.58 -5.18 -16.47
CA THR C 150 18.32 -5.72 -15.92
C THR C 150 18.44 -5.84 -14.41
N VAL C 151 17.28 -5.95 -13.77
CA VAL C 151 17.18 -6.17 -12.33
C VAL C 151 16.06 -7.20 -12.12
N PRO C 152 16.24 -8.23 -11.24
CA PRO C 152 15.14 -9.19 -11.02
C PRO C 152 13.90 -8.49 -10.45
N TRP C 153 12.75 -8.94 -10.89
CA TRP C 153 11.46 -8.40 -10.50
C TRP C 153 10.44 -9.55 -10.51
N ASN C 154 9.25 -9.32 -10.01
CA ASN C 154 8.22 -10.34 -9.98
C ASN C 154 6.92 -9.74 -10.50
N SER C 155 6.39 -10.28 -11.61
CA SER C 155 5.12 -9.80 -12.15
C SER C 155 3.98 -10.59 -11.51
N VAL C 156 3.22 -9.91 -10.65
CA VAL C 156 2.09 -10.50 -9.92
C VAL C 156 0.80 -10.27 -10.71
N SER C 157 0.12 -11.37 -11.08
CA SER C 157 -1.11 -11.33 -11.86
C SER C 157 -2.23 -10.58 -11.13
N GLY C 158 -2.78 -9.57 -11.81
CA GLY C 158 -3.86 -8.73 -11.32
C GLY C 158 -3.45 -7.60 -10.40
N ALA C 159 -2.13 -7.45 -10.15
CA ALA C 159 -1.61 -6.41 -9.26
C ALA C 159 -1.39 -5.10 -9.99
N VAL C 160 -1.79 -3.98 -9.37
CA VAL C 160 -1.53 -2.66 -9.97
C VAL C 160 -0.07 -2.28 -9.59
N VAL C 161 0.75 -1.97 -10.61
CA VAL C 161 2.17 -1.61 -10.44
C VAL C 161 2.33 -0.10 -10.71
N LYS C 162 3.08 0.59 -9.84
CA LYS C 162 3.39 2.00 -9.95
C LYS C 162 4.86 2.18 -10.33
N VAL C 163 5.11 3.02 -11.31
CA VAL C 163 6.47 3.30 -11.82
C VAL C 163 6.72 4.80 -11.85
N THR C 164 7.90 5.21 -11.44
CA THR C 164 8.36 6.59 -11.49
C THR C 164 9.68 6.53 -12.23
N VAL C 165 9.88 7.44 -13.18
CA VAL C 165 11.09 7.51 -13.98
C VAL C 165 11.62 8.96 -13.96
N ILE C 166 12.90 9.09 -13.71
CA ILE C 166 13.59 10.42 -13.71
C ILE C 166 14.71 10.36 -14.73
N TYR C 167 14.73 11.28 -15.68
CA TYR C 167 15.88 11.42 -16.57
C TYR C 167 16.56 12.74 -16.22
N ASP C 168 17.80 12.65 -15.73
CA ASP C 168 18.60 13.83 -15.39
C ASP C 168 19.54 14.14 -16.54
N SER C 169 19.27 15.21 -17.31
CA SER C 169 20.07 15.52 -18.51
C SER C 169 21.58 15.75 -18.24
N SER C 170 21.97 16.45 -17.13
CA SER C 170 23.39 16.73 -16.82
C SER C 170 24.24 15.44 -16.68
N THR C 171 23.74 14.43 -15.93
CA THR C 171 24.46 13.17 -15.73
C THR C 171 24.07 12.10 -16.80
N LYS C 172 23.04 12.41 -17.62
CA LYS C 172 22.47 11.52 -18.65
C LYS C 172 21.93 10.21 -17.98
N THR C 173 21.51 10.28 -16.70
CA THR C 173 21.06 9.12 -15.96
C THR C 173 19.54 8.96 -16.06
N LEU C 174 19.11 7.76 -16.43
CA LEU C 174 17.71 7.34 -16.47
C LEU C 174 17.51 6.46 -15.23
N SER C 175 16.75 6.95 -14.23
CA SER C 175 16.52 6.23 -12.98
C SER C 175 15.06 5.77 -12.97
N VAL C 176 14.82 4.52 -12.58
CA VAL C 176 13.50 3.90 -12.51
C VAL C 176 13.23 3.33 -11.12
N ALA C 177 12.05 3.65 -10.54
CA ALA C 177 11.58 3.05 -9.28
C ALA C 177 10.23 2.40 -9.54
N VAL C 178 10.12 1.10 -9.20
CA VAL C 178 8.94 0.26 -9.43
C VAL C 178 8.40 -0.22 -8.07
N THR C 179 7.15 0.13 -7.77
CA THR C 179 6.50 -0.25 -6.52
C THR C 179 5.55 -1.41 -6.78
N ASN C 180 5.93 -2.57 -6.18
CA ASN C 180 5.28 -3.88 -6.20
C ASN C 180 4.14 -3.98 -5.18
N ASP C 181 3.32 -5.04 -5.31
CA ASP C 181 2.15 -5.29 -4.47
C ASP C 181 2.54 -5.82 -3.08
N ASN C 182 3.64 -6.58 -2.99
CA ASN C 182 4.16 -7.10 -1.72
C ASN C 182 4.84 -5.97 -0.86
N GLY C 183 4.77 -4.73 -1.35
CA GLY C 183 5.28 -3.52 -0.72
C GLY C 183 6.68 -3.11 -1.11
N ASP C 184 7.51 -4.06 -1.55
CA ASP C 184 8.90 -3.80 -1.91
C ASP C 184 9.05 -2.86 -3.11
N ILE C 185 10.16 -2.10 -3.12
CA ILE C 185 10.54 -1.25 -4.24
C ILE C 185 11.70 -1.90 -4.95
N THR C 186 11.69 -1.79 -6.29
CA THR C 186 12.74 -2.28 -7.20
C THR C 186 13.25 -1.04 -7.95
N THR C 187 14.57 -0.85 -8.03
CA THR C 187 15.13 0.28 -8.78
C THR C 187 16.15 -0.20 -9.79
N ILE C 188 16.32 0.59 -10.84
CA ILE C 188 17.33 0.34 -11.88
C ILE C 188 17.69 1.70 -12.46
N ALA C 189 18.98 1.94 -12.70
CA ALA C 189 19.43 3.18 -13.28
C ALA C 189 20.56 2.92 -14.25
N GLN C 190 20.62 3.72 -15.33
CA GLN C 190 21.65 3.56 -16.36
C GLN C 190 21.90 4.88 -17.04
N VAL C 191 23.18 5.15 -17.33
CA VAL C 191 23.52 6.35 -18.11
C VAL C 191 23.18 6.06 -19.56
N VAL C 192 22.31 6.88 -20.15
CA VAL C 192 21.85 6.81 -21.55
C VAL C 192 21.96 8.22 -22.13
N ASP C 193 22.75 8.37 -23.19
CA ASP C 193 22.87 9.67 -23.86
C ASP C 193 21.78 9.80 -24.93
N LEU C 194 20.67 10.47 -24.59
CA LEU C 194 19.52 10.63 -25.49
C LEU C 194 19.83 11.42 -26.76
N LYS C 195 20.77 12.39 -26.68
CA LYS C 195 21.20 13.18 -27.81
C LYS C 195 21.90 12.26 -28.83
N ALA C 196 22.71 11.32 -28.33
CA ALA C 196 23.45 10.44 -29.22
C ALA C 196 22.56 9.33 -29.83
N LYS C 197 21.57 8.87 -29.08
CA LYS C 197 20.76 7.72 -29.50
C LYS C 197 19.43 8.09 -30.15
N LEU C 198 18.93 9.29 -29.87
CA LEU C 198 17.64 9.64 -30.41
C LEU C 198 17.63 10.99 -31.14
N PRO C 199 16.61 11.21 -32.03
CA PRO C 199 16.50 12.53 -32.69
C PRO C 199 16.05 13.64 -31.73
N GLU C 200 16.14 14.90 -32.18
CA GLU C 200 15.73 16.08 -31.41
C GLU C 200 14.28 15.98 -30.96
N ARG C 201 13.41 15.49 -31.83
CA ARG C 201 11.99 15.29 -31.53
C ARG C 201 11.70 13.82 -31.42
N VAL C 202 10.98 13.45 -30.36
CA VAL C 202 10.63 12.05 -30.12
C VAL C 202 9.19 11.91 -29.73
N LYS C 203 8.71 10.65 -29.72
CA LYS C 203 7.40 10.28 -29.17
C LYS C 203 7.64 9.33 -28.01
N PHE C 204 6.83 9.50 -26.96
CA PHE C 204 6.83 8.69 -25.73
C PHE C 204 5.60 7.82 -25.76
N GLY C 205 5.73 6.58 -25.28
CA GLY C 205 4.59 5.66 -25.21
C GLY C 205 4.85 4.32 -24.56
N PHE C 206 3.88 3.41 -24.81
CA PHE C 206 3.89 2.06 -24.31
C PHE C 206 3.60 1.06 -25.40
N SER C 207 4.21 -0.12 -25.30
CA SER C 207 4.03 -1.21 -26.24
C SER C 207 4.00 -2.52 -25.47
N ALA C 208 3.25 -3.50 -25.99
CA ALA C 208 3.16 -4.85 -25.43
C ALA C 208 2.90 -5.83 -26.55
N SER C 209 3.25 -7.10 -26.33
CA SER C 209 3.07 -8.13 -27.34
C SER C 209 2.89 -9.51 -26.75
N GLY C 210 2.32 -10.39 -27.57
CA GLY C 210 2.10 -11.80 -27.27
C GLY C 210 2.58 -12.69 -28.40
N SER C 211 2.51 -14.01 -28.23
CA SER C 211 2.88 -14.98 -29.26
C SER C 211 1.71 -15.95 -29.49
N LEU C 212 1.95 -17.11 -30.12
CA LEU C 212 0.91 -18.12 -30.32
C LEU C 212 0.40 -18.61 -28.93
N GLY C 213 1.30 -19.21 -28.14
CA GLY C 213 1.04 -19.77 -26.83
C GLY C 213 1.46 -18.93 -25.63
N GLY C 214 1.82 -17.67 -25.86
CA GLY C 214 2.20 -16.73 -24.81
C GLY C 214 1.36 -15.46 -24.87
N ARG C 215 0.28 -15.40 -24.08
CA ARG C 215 -0.65 -14.26 -24.08
C ARG C 215 -1.07 -13.90 -22.65
N GLN C 216 -1.34 -12.60 -22.41
CA GLN C 216 -1.80 -12.11 -21.12
C GLN C 216 -2.44 -10.74 -21.27
N ILE C 217 -3.22 -10.30 -20.27
CA ILE C 217 -3.83 -8.97 -20.27
C ILE C 217 -2.72 -7.94 -19.94
N HIS C 218 -2.51 -6.92 -20.80
CA HIS C 218 -1.53 -5.84 -20.57
C HIS C 218 -2.30 -4.53 -20.50
N LEU C 219 -2.40 -3.92 -19.31
CA LEU C 219 -3.18 -2.68 -19.14
C LEU C 219 -2.37 -1.45 -18.70
N ILE C 220 -2.66 -0.28 -19.27
CA ILE C 220 -2.08 0.99 -18.86
C ILE C 220 -3.21 1.74 -18.19
N ARG C 221 -3.06 2.05 -16.91
CA ARG C 221 -4.11 2.68 -16.09
C ARG C 221 -4.02 4.20 -16.00
N SER C 222 -2.80 4.74 -15.88
CA SER C 222 -2.62 6.19 -15.75
C SER C 222 -1.21 6.57 -16.19
N TRP C 223 -1.03 7.83 -16.52
CA TRP C 223 0.27 8.35 -16.99
C TRP C 223 0.36 9.85 -16.81
N SER C 224 1.41 10.32 -16.12
CA SER C 224 1.70 11.75 -15.94
C SER C 224 3.10 11.98 -16.43
N PHE C 225 3.36 13.15 -16.98
CA PHE C 225 4.67 13.45 -17.56
C PHE C 225 4.97 14.93 -17.52
N THR C 226 6.23 15.28 -17.26
CA THR C 226 6.73 16.65 -17.33
C THR C 226 8.16 16.62 -17.83
N SER C 227 8.44 17.39 -18.88
CA SER C 227 9.79 17.54 -19.41
C SER C 227 10.10 19.01 -19.51
N THR C 228 11.34 19.39 -19.26
CA THR C 228 11.79 20.78 -19.37
C THR C 228 13.12 20.82 -20.06
N LEU C 229 13.19 21.61 -21.12
CA LEU C 229 14.39 21.86 -21.92
C LEU C 229 14.79 23.34 -21.79
N ILE C 230 16.02 23.61 -21.32
CA ILE C 230 16.54 24.97 -21.18
C ILE C 230 16.78 25.52 -22.60
N THR C 231 16.23 26.71 -22.88
CA THR C 231 16.33 27.36 -24.19
C THR C 231 17.32 28.55 -24.17
N THR C 232 17.94 28.85 -23.02
CA THR C 232 18.96 29.92 -22.96
C THR C 232 20.39 29.30 -23.01
N ALA D 1 -18.37 -30.27 10.16
CA ALA D 1 -18.79 -28.93 9.79
C ALA D 1 -18.98 -28.79 8.29
N GLU D 2 -19.96 -27.97 7.89
CA GLU D 2 -20.32 -27.68 6.50
C GLU D 2 -19.69 -26.35 6.09
N THR D 3 -18.75 -26.42 5.13
CA THR D 3 -18.01 -25.27 4.65
C THR D 3 -18.18 -25.06 3.14
N VAL D 4 -18.40 -23.79 2.77
CA VAL D 4 -18.46 -23.31 1.38
C VAL D 4 -17.29 -22.37 1.23
N SER D 5 -16.43 -22.65 0.24
CA SER D 5 -15.25 -21.85 0.00
C SER D 5 -15.01 -21.65 -1.49
N PHE D 6 -14.63 -20.43 -1.89
CA PHE D 6 -14.30 -20.13 -3.28
C PHE D 6 -13.38 -18.92 -3.35
N ASN D 7 -12.73 -18.74 -4.51
CA ASN D 7 -11.83 -17.62 -4.76
C ASN D 7 -11.85 -17.29 -6.25
N PHE D 8 -12.14 -16.01 -6.55
CA PHE D 8 -12.13 -15.45 -7.90
C PHE D 8 -11.05 -14.38 -8.00
N ASN D 9 -10.02 -14.63 -8.81
CA ASN D 9 -8.96 -13.66 -9.09
C ASN D 9 -9.36 -12.86 -10.31
N SER D 10 -10.28 -13.44 -11.09
CA SER D 10 -10.86 -12.92 -12.32
C SER D 10 -12.22 -13.57 -12.55
N PHE D 11 -12.98 -13.01 -13.50
CA PHE D 11 -14.30 -13.51 -13.85
C PHE D 11 -14.40 -13.73 -15.36
N SER D 12 -15.35 -14.58 -15.78
CA SER D 12 -15.56 -14.86 -17.20
C SER D 12 -17.03 -15.09 -17.52
N GLU D 13 -17.44 -14.61 -18.72
CA GLU D 13 -18.79 -14.62 -19.29
C GLU D 13 -19.47 -16.00 -19.30
N GLY D 14 -18.72 -17.05 -19.63
CA GLY D 14 -19.23 -18.42 -19.68
C GLY D 14 -18.86 -19.25 -18.48
N ASN D 15 -19.13 -18.72 -17.27
CA ASN D 15 -18.81 -19.40 -16.01
C ASN D 15 -20.16 -19.74 -15.36
N PRO D 16 -20.55 -21.03 -15.29
CA PRO D 16 -21.85 -21.36 -14.67
C PRO D 16 -21.93 -21.05 -13.18
N ALA D 17 -20.76 -20.88 -12.50
CA ALA D 17 -20.66 -20.60 -11.06
C ALA D 17 -21.15 -19.19 -10.66
N ILE D 18 -21.39 -18.29 -11.64
CA ILE D 18 -21.85 -16.93 -11.39
C ILE D 18 -23.16 -16.69 -12.13
N ASN D 19 -24.13 -16.10 -11.43
CA ASN D 19 -25.40 -15.70 -12.02
C ASN D 19 -25.31 -14.22 -12.34
N PHE D 20 -25.50 -13.85 -13.62
CA PHE D 20 -25.45 -12.44 -14.05
C PHE D 20 -26.85 -11.90 -14.21
N GLN D 21 -27.14 -10.74 -13.62
CA GLN D 21 -28.48 -10.16 -13.66
C GLN D 21 -28.44 -8.74 -14.14
N GLY D 22 -29.36 -8.40 -15.04
CA GLY D 22 -29.45 -7.04 -15.55
C GLY D 22 -28.35 -6.66 -16.52
N ASP D 23 -27.80 -5.44 -16.32
CA ASP D 23 -26.83 -4.78 -17.19
C ASP D 23 -25.36 -5.17 -16.97
N VAL D 24 -25.06 -6.20 -16.14
CA VAL D 24 -23.68 -6.67 -15.89
C VAL D 24 -23.03 -7.26 -17.14
N THR D 25 -21.74 -6.92 -17.32
CA THR D 25 -20.87 -7.42 -18.36
C THR D 25 -19.53 -7.83 -17.75
N VAL D 26 -18.81 -8.72 -18.44
CA VAL D 26 -17.47 -9.11 -18.04
C VAL D 26 -16.53 -8.50 -19.07
N LEU D 27 -15.59 -7.65 -18.61
CA LEU D 27 -14.59 -7.02 -19.47
C LEU D 27 -13.49 -8.02 -19.83
N SER D 28 -12.73 -7.74 -20.90
CA SER D 28 -11.64 -8.59 -21.39
C SER D 28 -10.53 -8.79 -20.36
N ASN D 29 -10.38 -7.83 -19.41
CA ASN D 29 -9.38 -7.93 -18.34
C ASN D 29 -9.84 -8.85 -17.17
N GLY D 30 -11.06 -9.36 -17.24
CA GLY D 30 -11.61 -10.26 -16.22
C GLY D 30 -12.44 -9.60 -15.14
N ASN D 31 -12.56 -8.25 -15.17
CA ASN D 31 -13.35 -7.50 -14.20
C ASN D 31 -14.80 -7.58 -14.54
N ILE D 32 -15.66 -7.49 -13.52
CA ILE D 32 -17.09 -7.43 -13.68
C ILE D 32 -17.47 -5.95 -13.66
N GLN D 33 -18.20 -5.49 -14.68
CA GLN D 33 -18.72 -4.13 -14.76
C GLN D 33 -20.20 -4.25 -14.51
N LEU D 34 -20.67 -3.67 -13.38
CA LEU D 34 -22.05 -3.87 -12.95
C LEU D 34 -23.08 -3.02 -13.69
N THR D 35 -22.78 -1.76 -14.03
CA THR D 35 -23.79 -0.93 -14.72
C THR D 35 -23.39 -0.60 -16.16
N ASN D 36 -24.40 -0.27 -17.00
CA ASN D 36 -24.21 0.13 -18.39
C ASN D 36 -24.23 1.67 -18.42
N LEU D 37 -23.12 2.28 -18.83
CA LEU D 37 -22.93 3.73 -18.86
C LEU D 37 -23.87 4.50 -19.82
N ASN D 38 -24.49 3.80 -20.81
CA ASN D 38 -25.37 4.45 -21.79
C ASN D 38 -26.88 4.28 -21.51
N LYS D 39 -27.24 3.57 -20.43
CA LYS D 39 -28.62 3.27 -20.06
C LYS D 39 -29.11 4.09 -18.87
N VAL D 40 -30.37 4.55 -18.93
CA VAL D 40 -31.04 5.28 -17.85
C VAL D 40 -31.48 4.25 -16.79
N ASN D 41 -31.31 4.58 -15.49
CA ASN D 41 -31.69 3.74 -14.35
C ASN D 41 -31.08 2.33 -14.45
N SER D 42 -29.82 2.25 -14.92
CA SER D 42 -29.11 0.97 -15.10
C SER D 42 -28.93 0.24 -13.78
N VAL D 43 -29.15 -1.09 -13.79
CA VAL D 43 -28.96 -1.97 -12.62
C VAL D 43 -28.29 -3.23 -13.12
N GLY D 44 -27.23 -3.63 -12.41
CA GLY D 44 -26.52 -4.86 -12.70
C GLY D 44 -26.12 -5.55 -11.41
N ARG D 45 -26.30 -6.88 -11.36
CA ARG D 45 -25.95 -7.65 -10.18
C ARG D 45 -25.28 -8.96 -10.57
N VAL D 46 -24.42 -9.47 -9.69
CA VAL D 46 -23.74 -10.75 -9.82
C VAL D 46 -23.95 -11.54 -8.51
N LEU D 47 -24.26 -12.83 -8.63
CA LEU D 47 -24.47 -13.71 -7.49
C LEU D 47 -23.64 -14.96 -7.63
N TYR D 48 -23.14 -15.50 -6.49
CA TYR D 48 -22.47 -16.80 -6.53
C TYR D 48 -23.63 -17.77 -6.78
N ALA D 49 -23.55 -18.60 -7.84
CA ALA D 49 -24.69 -19.42 -8.30
C ALA D 49 -25.16 -20.46 -7.29
N MET D 50 -24.28 -20.98 -6.42
CA MET D 50 -24.69 -22.00 -5.45
C MET D 50 -25.28 -21.37 -4.18
N PRO D 51 -26.51 -21.78 -3.78
CA PRO D 51 -27.05 -21.25 -2.53
C PRO D 51 -26.17 -21.71 -1.35
N VAL D 52 -25.99 -20.82 -0.35
CA VAL D 52 -25.19 -21.07 0.85
C VAL D 52 -26.14 -21.27 2.03
N ARG D 53 -25.98 -22.38 2.75
CA ARG D 53 -26.80 -22.66 3.92
C ARG D 53 -26.21 -21.88 5.10
N ILE D 54 -26.84 -20.75 5.46
CA ILE D 54 -26.36 -19.87 6.53
C ILE D 54 -26.91 -20.27 7.90
N TRP D 55 -27.99 -21.06 7.93
CA TRP D 55 -28.49 -21.55 9.20
C TRP D 55 -29.21 -22.88 9.00
N SER D 56 -29.26 -23.69 10.07
CA SER D 56 -29.86 -25.03 10.05
C SER D 56 -31.14 -25.03 10.86
N SER D 57 -32.24 -25.51 10.28
CA SER D 57 -33.54 -25.59 10.98
C SER D 57 -33.56 -26.79 11.93
N ALA D 58 -32.66 -27.77 11.71
CA ALA D 58 -32.54 -28.97 12.53
C ALA D 58 -31.80 -28.69 13.84
N THR D 59 -30.62 -28.01 13.78
CA THR D 59 -29.80 -27.73 14.96
C THR D 59 -29.98 -26.31 15.55
N GLY D 60 -30.47 -25.38 14.73
CA GLY D 60 -30.60 -23.97 15.11
C GLY D 60 -29.28 -23.23 14.99
N ASN D 61 -28.22 -23.92 14.48
CA ASN D 61 -26.88 -23.35 14.30
C ASN D 61 -26.84 -22.33 13.18
N VAL D 62 -25.98 -21.31 13.31
CA VAL D 62 -25.83 -20.22 12.33
C VAL D 62 -24.38 -20.18 11.89
N ALA D 63 -24.14 -20.01 10.57
CA ALA D 63 -22.80 -20.02 10.04
C ALA D 63 -22.08 -18.73 10.34
N SER D 64 -20.76 -18.83 10.41
CA SER D 64 -19.86 -17.69 10.47
C SER D 64 -19.29 -17.61 9.08
N PHE D 65 -18.81 -16.43 8.68
CA PHE D 65 -18.17 -16.33 7.37
C PHE D 65 -17.11 -15.25 7.38
N LEU D 66 -16.17 -15.38 6.44
CA LEU D 66 -15.06 -14.48 6.18
C LEU D 66 -15.04 -14.24 4.71
N THR D 67 -15.08 -13.00 4.29
CA THR D 67 -15.05 -12.74 2.86
C THR D 67 -14.22 -11.51 2.60
N SER D 68 -13.50 -11.52 1.47
CA SER D 68 -12.71 -10.39 1.03
C SER D 68 -12.97 -10.13 -0.44
N PHE D 69 -13.05 -8.86 -0.83
CA PHE D 69 -13.27 -8.51 -2.23
C PHE D 69 -12.61 -7.17 -2.51
N SER D 70 -12.40 -6.88 -3.80
CA SER D 70 -11.84 -5.63 -4.26
C SER D 70 -12.68 -5.08 -5.37
N PHE D 71 -12.84 -3.77 -5.36
CA PHE D 71 -13.64 -3.08 -6.35
C PHE D 71 -12.99 -1.77 -6.75
N GLU D 72 -13.57 -1.14 -7.76
CA GLU D 72 -13.15 0.16 -8.23
C GLU D 72 -14.35 0.92 -8.76
N MET D 73 -14.46 2.19 -8.37
CA MET D 73 -15.46 3.10 -8.90
C MET D 73 -14.70 4.23 -9.61
N LYS D 74 -15.09 4.54 -10.84
CA LYS D 74 -14.42 5.58 -11.63
C LYS D 74 -15.43 6.54 -12.23
N ASP D 75 -15.15 7.84 -12.12
CA ASP D 75 -16.00 8.90 -12.68
C ASP D 75 -15.99 8.84 -14.17
N ILE D 76 -17.10 9.24 -14.77
CA ILE D 76 -17.13 9.30 -16.21
C ILE D 76 -17.52 10.70 -16.58
N LYS D 77 -16.97 11.17 -17.71
CA LYS D 77 -17.23 12.49 -18.23
C LYS D 77 -18.76 12.80 -18.26
N ASP D 78 -19.11 14.00 -17.73
CA ASP D 78 -20.43 14.67 -17.75
C ASP D 78 -21.50 14.12 -16.75
N TYR D 79 -21.33 12.93 -16.17
CA TYR D 79 -22.36 12.48 -15.23
C TYR D 79 -21.90 12.58 -13.78
N ASP D 80 -22.85 12.70 -12.83
CA ASP D 80 -22.60 12.67 -11.38
C ASP D 80 -22.11 11.27 -10.99
N PRO D 81 -20.98 11.13 -10.27
CA PRO D 81 -20.51 9.78 -9.90
C PRO D 81 -21.46 9.15 -8.89
N ALA D 82 -22.38 8.30 -9.40
CA ALA D 82 -23.43 7.67 -8.61
C ALA D 82 -23.83 6.30 -9.26
N ASP D 83 -24.42 5.35 -8.50
CA ASP D 83 -24.87 5.51 -7.12
C ASP D 83 -24.09 4.74 -6.07
N GLY D 84 -23.32 3.77 -6.49
CA GLY D 84 -22.54 2.96 -5.56
C GLY D 84 -22.78 1.47 -5.71
N ILE D 85 -22.01 0.70 -4.93
CA ILE D 85 -22.04 -0.78 -4.94
C ILE D 85 -22.52 -1.26 -3.60
N ILE D 86 -23.27 -2.38 -3.59
CA ILE D 86 -23.69 -3.02 -2.36
C ILE D 86 -23.29 -4.52 -2.44
N PHE D 87 -22.63 -5.00 -1.39
CA PHE D 87 -22.31 -6.40 -1.19
C PHE D 87 -23.51 -6.93 -0.45
N PHE D 88 -24.29 -7.86 -1.03
CA PHE D 88 -25.50 -8.25 -0.36
C PHE D 88 -25.70 -9.78 -0.28
N ILE D 89 -26.65 -10.13 0.61
CA ILE D 89 -27.10 -11.49 0.94
C ILE D 89 -28.58 -11.48 0.79
N ALA D 90 -29.12 -12.39 0.05
CA ALA D 90 -30.58 -12.34 -0.17
C ALA D 90 -31.17 -13.74 -0.39
N PRO D 91 -32.51 -13.93 -0.36
CA PRO D 91 -33.08 -15.27 -0.63
C PRO D 91 -32.61 -15.81 -1.97
N GLU D 92 -32.54 -17.15 -2.11
CA GLU D 92 -31.99 -17.80 -3.30
C GLU D 92 -32.73 -17.41 -4.61
N ASP D 93 -34.02 -17.00 -4.53
CA ASP D 93 -34.80 -16.58 -5.70
C ASP D 93 -34.68 -15.06 -5.99
N THR D 94 -33.71 -14.38 -5.38
CA THR D 94 -33.55 -12.93 -5.54
C THR D 94 -33.34 -12.50 -7.00
N GLN D 95 -34.09 -11.47 -7.40
CA GLN D 95 -34.02 -10.85 -8.73
C GLN D 95 -34.03 -9.33 -8.57
N ILE D 96 -33.57 -8.59 -9.58
CA ILE D 96 -33.66 -7.13 -9.60
C ILE D 96 -35.15 -6.75 -9.38
N PRO D 97 -35.48 -5.87 -8.40
CA PRO D 97 -36.90 -5.52 -8.18
C PRO D 97 -37.60 -5.08 -9.47
N ALA D 98 -38.83 -5.56 -9.66
CA ALA D 98 -39.64 -5.26 -10.84
C ALA D 98 -39.89 -3.75 -10.95
N GLY D 99 -39.62 -3.18 -12.13
CA GLY D 99 -39.75 -1.75 -12.41
C GLY D 99 -38.76 -0.90 -11.64
N SER D 100 -37.55 -1.45 -11.39
CA SER D 100 -36.48 -0.80 -10.63
C SER D 100 -36.11 0.56 -11.17
N ILE D 101 -36.07 1.57 -10.28
CA ILE D 101 -35.70 2.93 -10.67
C ILE D 101 -34.17 3.11 -10.57
N GLY D 102 -33.45 2.03 -10.21
CA GLY D 102 -32.00 2.08 -10.01
C GLY D 102 -31.66 3.16 -8.98
N GLY D 103 -30.73 4.04 -9.32
CA GLY D 103 -30.38 5.17 -8.44
C GLY D 103 -30.05 4.77 -7.02
N GLY D 104 -30.66 5.45 -6.04
CA GLY D 104 -30.45 5.24 -4.61
C GLY D 104 -30.85 3.89 -4.06
N THR D 105 -31.62 3.11 -4.84
CA THR D 105 -32.07 1.79 -4.42
C THR D 105 -30.93 0.77 -4.51
N LEU D 106 -29.83 1.14 -5.22
CA LEU D 106 -28.63 0.31 -5.43
C LEU D 106 -28.98 -1.08 -6.07
N GLY D 107 -30.15 -1.17 -6.71
CA GLY D 107 -30.63 -2.39 -7.37
C GLY D 107 -31.10 -3.49 -6.45
N VAL D 108 -31.32 -3.19 -5.16
CA VAL D 108 -31.74 -4.22 -4.21
C VAL D 108 -33.08 -3.88 -3.56
N SER D 109 -33.59 -2.65 -3.75
CA SER D 109 -34.83 -2.29 -3.08
C SER D 109 -35.86 -1.64 -4.03
N ASP D 110 -37.08 -1.40 -3.51
CA ASP D 110 -38.14 -0.72 -4.24
C ASP D 110 -37.93 0.81 -4.13
N THR D 111 -38.85 1.61 -4.71
CA THR D 111 -38.80 3.08 -4.69
C THR D 111 -38.77 3.63 -3.26
N LYS D 112 -39.47 2.99 -2.31
CA LYS D 112 -39.53 3.40 -0.91
C LYS D 112 -38.27 2.97 -0.11
N GLY D 113 -37.37 2.22 -0.77
CA GLY D 113 -36.11 1.77 -0.19
C GLY D 113 -36.14 0.47 0.58
N ALA D 114 -37.26 -0.27 0.48
CA ALA D 114 -37.46 -1.55 1.15
C ALA D 114 -37.18 -2.73 0.22
N GLY D 115 -36.62 -3.79 0.79
CA GLY D 115 -36.31 -5.02 0.09
C GLY D 115 -36.06 -6.16 1.05
N HIS D 116 -35.69 -7.33 0.52
CA HIS D 116 -35.38 -8.49 1.34
C HIS D 116 -33.93 -8.83 1.12
N PHE D 117 -33.04 -8.30 1.97
CA PHE D 117 -31.61 -8.48 1.85
C PHE D 117 -30.89 -7.99 3.09
N VAL D 118 -29.63 -8.38 3.22
CA VAL D 118 -28.71 -7.83 4.23
C VAL D 118 -27.50 -7.41 3.41
N GLY D 119 -26.99 -6.20 3.62
CA GLY D 119 -25.84 -5.79 2.82
C GLY D 119 -24.91 -4.76 3.44
N VAL D 120 -23.79 -4.56 2.78
CA VAL D 120 -22.77 -3.54 3.10
C VAL D 120 -22.69 -2.66 1.85
N GLU D 121 -23.22 -1.44 1.93
CA GLU D 121 -23.20 -0.52 0.79
C GLU D 121 -22.00 0.45 0.86
N PHE D 122 -21.46 0.80 -0.32
CA PHE D 122 -20.37 1.78 -0.59
C PHE D 122 -21.07 2.83 -1.42
N ASP D 123 -21.79 3.74 -0.70
CA ASP D 123 -22.73 4.69 -1.28
C ASP D 123 -22.06 6.02 -1.58
N THR D 124 -22.15 6.44 -2.87
CA THR D 124 -21.47 7.63 -3.38
C THR D 124 -22.41 8.82 -3.72
N TYR D 125 -23.68 8.75 -3.32
CA TYR D 125 -24.63 9.82 -3.58
C TYR D 125 -25.58 9.94 -2.42
N SER D 126 -25.80 11.19 -1.93
CA SER D 126 -26.67 11.47 -0.80
C SER D 126 -28.16 11.61 -1.21
N ASN D 127 -28.95 10.52 -1.03
CA ASN D 127 -30.40 10.47 -1.26
C ASN D 127 -31.14 10.83 0.03
N SER D 128 -31.76 12.04 0.09
CA SER D 128 -32.50 12.50 1.28
C SER D 128 -33.71 11.60 1.58
N GLU D 129 -34.33 11.01 0.52
CA GLU D 129 -35.48 10.12 0.62
C GLU D 129 -35.16 8.83 1.41
N TYR D 130 -33.86 8.44 1.48
CA TYR D 130 -33.45 7.25 2.23
C TYR D 130 -32.60 7.61 3.48
N ASN D 131 -32.67 8.90 3.90
CA ASN D 131 -31.98 9.49 5.07
C ASN D 131 -30.46 9.22 5.02
N ASP D 132 -29.87 9.35 3.83
CA ASP D 132 -28.43 9.20 3.63
C ASP D 132 -27.64 10.28 4.37
N PRO D 133 -26.44 9.97 4.90
CA PRO D 133 -25.62 11.05 5.48
C PRO D 133 -25.14 12.01 4.36
N PRO D 134 -24.64 13.24 4.66
CA PRO D 134 -24.31 14.19 3.58
C PRO D 134 -23.10 13.83 2.68
N THR D 135 -22.20 12.93 3.13
CA THR D 135 -21.00 12.58 2.30
C THR D 135 -21.04 11.09 1.86
N ASP D 136 -20.01 10.63 1.08
CA ASP D 136 -19.81 9.22 0.72
C ASP D 136 -19.72 8.42 2.00
N HIS D 137 -20.26 7.20 2.00
CA HIS D 137 -20.30 6.44 3.24
C HIS D 137 -20.37 4.97 3.00
N VAL D 138 -20.01 4.21 4.04
CA VAL D 138 -20.18 2.75 4.06
C VAL D 138 -21.32 2.54 5.01
N GLY D 139 -22.29 1.70 4.62
CA GLY D 139 -23.46 1.45 5.46
C GLY D 139 -23.76 -0.03 5.63
N ILE D 140 -24.42 -0.36 6.74
CA ILE D 140 -24.90 -1.72 7.08
C ILE D 140 -26.40 -1.64 6.95
N ASP D 141 -26.91 -2.38 5.95
CA ASP D 141 -28.32 -2.38 5.59
C ASP D 141 -29.04 -3.67 5.92
N VAL D 142 -30.24 -3.53 6.48
CA VAL D 142 -31.09 -4.68 6.83
C VAL D 142 -32.47 -4.40 6.27
N ASN D 143 -32.78 -5.04 5.11
CA ASN D 143 -34.05 -4.92 4.39
C ASN D 143 -34.42 -3.48 3.96
N SER D 144 -33.43 -2.59 3.91
CA SER D 144 -33.64 -1.19 3.56
C SER D 144 -32.34 -0.51 3.17
N VAL D 145 -32.43 0.41 2.21
CA VAL D 145 -31.28 1.26 1.85
C VAL D 145 -31.23 2.49 2.81
N ASP D 146 -32.12 2.53 3.83
CA ASP D 146 -32.07 3.50 4.92
C ASP D 146 -31.27 2.74 5.97
N SER D 147 -29.93 2.82 5.86
CA SER D 147 -28.97 2.03 6.64
C SER D 147 -29.23 2.04 8.14
N VAL D 148 -29.02 0.86 8.76
CA VAL D 148 -29.06 0.67 10.22
C VAL D 148 -27.92 1.53 10.83
N LYS D 149 -26.78 1.60 10.15
CA LYS D 149 -25.62 2.37 10.58
C LYS D 149 -24.75 2.74 9.39
N THR D 150 -24.13 3.92 9.43
CA THR D 150 -23.18 4.37 8.41
C THR D 150 -21.91 4.93 9.08
N VAL D 151 -20.86 5.03 8.28
CA VAL D 151 -19.58 5.63 8.66
C VAL D 151 -19.10 6.47 7.49
N PRO D 152 -18.58 7.71 7.71
CA PRO D 152 -18.08 8.49 6.57
C PRO D 152 -16.90 7.80 5.89
N TRP D 153 -16.84 7.93 4.57
CA TRP D 153 -15.84 7.30 3.74
C TRP D 153 -15.63 8.24 2.54
N ASN D 154 -14.62 7.96 1.72
CA ASN D 154 -14.35 8.78 0.54
C ASN D 154 -14.15 7.88 -0.64
N SER D 155 -15.00 8.02 -1.68
CA SER D 155 -14.84 7.19 -2.88
C SER D 155 -13.91 7.91 -3.85
N VAL D 156 -12.69 7.39 -3.98
CA VAL D 156 -11.66 7.96 -4.85
C VAL D 156 -11.77 7.34 -6.26
N SER D 157 -11.99 8.20 -7.26
CA SER D 157 -12.13 7.78 -8.65
C SER D 157 -10.87 7.09 -9.18
N GLY D 158 -11.05 5.86 -9.68
CA GLY D 158 -9.98 5.03 -10.25
C GLY D 158 -9.14 4.27 -9.24
N ALA D 159 -9.48 4.40 -7.96
CA ALA D 159 -8.73 3.72 -6.88
C ALA D 159 -9.26 2.31 -6.65
N VAL D 160 -8.35 1.34 -6.47
CA VAL D 160 -8.73 -0.04 -6.12
C VAL D 160 -8.95 -0.06 -4.60
N VAL D 161 -10.14 -0.49 -4.17
CA VAL D 161 -10.55 -0.57 -2.75
C VAL D 161 -10.61 -2.06 -2.34
N LYS D 162 -10.04 -2.40 -1.17
CA LYS D 162 -10.04 -3.74 -0.59
C LYS D 162 -10.98 -3.76 0.61
N VAL D 163 -11.81 -4.82 0.70
CA VAL D 163 -12.78 -4.95 1.81
C VAL D 163 -12.65 -6.35 2.41
N THR D 164 -12.70 -6.42 3.72
CA THR D 164 -12.70 -7.67 4.46
C THR D 164 -13.95 -7.61 5.36
N VAL D 165 -14.72 -8.68 5.37
CA VAL D 165 -15.95 -8.77 6.16
C VAL D 165 -15.93 -10.05 6.99
N ILE D 166 -16.25 -9.93 8.29
CA ILE D 166 -16.34 -11.06 9.21
C ILE D 166 -17.76 -11.08 9.81
N TYR D 167 -18.44 -12.21 9.71
CA TYR D 167 -19.69 -12.38 10.43
C TYR D 167 -19.45 -13.45 11.52
N ASP D 168 -19.55 -13.04 12.80
CA ASP D 168 -19.39 -13.94 13.94
C ASP D 168 -20.79 -14.39 14.40
N SER D 169 -21.16 -15.64 14.12
CA SER D 169 -22.51 -16.13 14.43
C SER D 169 -22.89 -16.05 15.93
N SER D 170 -21.97 -16.34 16.90
CA SER D 170 -22.29 -16.31 18.35
C SER D 170 -22.75 -14.92 18.85
N THR D 171 -22.03 -13.85 18.46
CA THR D 171 -22.38 -12.48 18.88
C THR D 171 -23.34 -11.80 17.84
N LYS D 172 -23.58 -12.46 16.68
CA LYS D 172 -24.40 -11.97 15.55
C LYS D 172 -23.79 -10.66 15.01
N THR D 173 -22.47 -10.48 15.11
CA THR D 173 -21.80 -9.25 14.69
C THR D 173 -21.25 -9.34 13.29
N LEU D 174 -21.60 -8.36 12.47
CA LEU D 174 -21.09 -8.14 11.11
C LEU D 174 -20.02 -7.02 11.23
N SER D 175 -18.76 -7.37 10.96
CA SER D 175 -17.64 -6.40 11.02
C SER D 175 -17.05 -6.21 9.62
N VAL D 176 -16.78 -4.94 9.25
CA VAL D 176 -16.28 -4.56 7.93
C VAL D 176 -15.03 -3.67 8.07
N ALA D 177 -13.97 -4.00 7.33
CA ALA D 177 -12.74 -3.19 7.25
C ALA D 177 -12.51 -2.87 5.77
N VAL D 178 -12.45 -1.57 5.46
CA VAL D 178 -12.26 -1.04 4.10
C VAL D 178 -10.89 -0.36 4.01
N THR D 179 -10.02 -0.84 3.11
CA THR D 179 -8.68 -0.30 2.91
C THR D 179 -8.68 0.58 1.68
N ASN D 180 -8.50 1.88 1.91
CA ASN D 180 -8.45 2.96 0.94
C ASN D 180 -7.07 3.09 0.26
N ASP D 181 -7.01 3.91 -0.79
CA ASP D 181 -5.82 4.19 -1.61
C ASP D 181 -4.77 5.00 -0.82
N ASN D 182 -5.22 5.95 0.01
CA ASN D 182 -4.35 6.80 0.84
C ASN D 182 -3.75 6.01 2.04
N GLY D 183 -4.04 4.70 2.10
CA GLY D 183 -3.56 3.75 3.10
C GLY D 183 -4.41 3.59 4.35
N ASP D 184 -5.30 4.55 4.64
CA ASP D 184 -6.16 4.54 5.82
C ASP D 184 -7.18 3.41 5.77
N ILE D 185 -7.53 2.90 6.96
CA ILE D 185 -8.59 1.90 7.09
C ILE D 185 -9.81 2.57 7.70
N THR D 186 -10.99 2.17 7.20
CA THR D 186 -12.33 2.59 7.65
C THR D 186 -13.01 1.31 8.15
N THR D 187 -13.62 1.34 9.35
CA THR D 187 -14.33 0.16 9.87
C THR D 187 -15.75 0.52 10.26
N ILE D 188 -16.60 -0.51 10.28
CA ILE D 188 -17.99 -0.38 10.72
C ILE D 188 -18.41 -1.77 11.15
N ALA D 189 -19.15 -1.85 12.27
CA ALA D 189 -19.64 -3.12 12.77
C ALA D 189 -21.04 -2.93 13.35
N GLN D 190 -21.86 -3.95 13.26
CA GLN D 190 -23.25 -3.90 13.72
C GLN D 190 -23.77 -5.30 14.00
N VAL D 191 -24.55 -5.43 15.07
CA VAL D 191 -25.20 -6.73 15.36
C VAL D 191 -26.37 -6.88 14.37
N VAL D 192 -26.36 -7.93 13.59
CA VAL D 192 -27.40 -8.33 12.60
C VAL D 192 -27.71 -9.79 12.83
N ASP D 193 -28.97 -10.11 13.15
CA ASP D 193 -29.40 -11.49 13.34
C ASP D 193 -29.79 -12.10 11.99
N LEU D 194 -28.81 -12.73 11.34
CA LEU D 194 -29.02 -13.30 10.02
C LEU D 194 -30.12 -14.39 10.05
N LYS D 195 -30.14 -15.23 11.07
CA LYS D 195 -31.16 -16.29 11.23
C LYS D 195 -32.59 -15.71 11.25
N ALA D 196 -32.77 -14.48 11.76
CA ALA D 196 -34.08 -13.82 11.88
C ALA D 196 -34.45 -13.05 10.63
N LYS D 197 -33.46 -12.59 9.85
CA LYS D 197 -33.73 -11.72 8.72
C LYS D 197 -33.69 -12.43 7.36
N LEU D 198 -32.98 -13.56 7.28
CA LEU D 198 -32.78 -14.28 6.04
C LEU D 198 -33.26 -15.74 6.09
N PRO D 199 -33.65 -16.34 4.95
CA PRO D 199 -33.98 -17.78 4.94
C PRO D 199 -32.75 -18.68 5.14
N GLU D 200 -32.99 -20.01 5.27
CA GLU D 200 -32.00 -21.07 5.50
C GLU D 200 -30.86 -21.05 4.49
N ARG D 201 -31.21 -20.96 3.19
CA ARG D 201 -30.28 -20.87 2.08
C ARG D 201 -30.43 -19.50 1.48
N VAL D 202 -29.31 -18.89 1.10
CA VAL D 202 -29.22 -17.52 0.56
C VAL D 202 -28.22 -17.49 -0.58
N LYS D 203 -28.23 -16.37 -1.31
CA LYS D 203 -27.23 -16.12 -2.31
C LYS D 203 -26.47 -14.86 -1.90
N PHE D 204 -25.16 -14.89 -2.14
CA PHE D 204 -24.24 -13.79 -1.88
C PHE D 204 -23.88 -13.15 -3.20
N GLY D 205 -23.73 -11.83 -3.20
CA GLY D 205 -23.29 -11.17 -4.43
C GLY D 205 -23.07 -9.69 -4.33
N PHE D 206 -23.12 -9.00 -5.49
CA PHE D 206 -22.89 -7.54 -5.61
C PHE D 206 -23.93 -6.93 -6.54
N SER D 207 -24.29 -5.68 -6.26
CA SER D 207 -25.24 -4.93 -7.06
C SER D 207 -24.78 -3.48 -7.13
N ALA D 208 -25.10 -2.83 -8.25
CA ALA D 208 -24.81 -1.39 -8.44
C ALA D 208 -25.87 -0.80 -9.35
N SER D 209 -26.05 0.51 -9.30
CA SER D 209 -27.06 1.18 -10.11
C SER D 209 -26.68 2.60 -10.44
N GLY D 210 -27.42 3.17 -11.41
CA GLY D 210 -27.32 4.56 -11.84
C GLY D 210 -28.70 5.14 -12.09
N SER D 211 -28.80 6.41 -12.51
CA SER D 211 -30.06 7.09 -12.86
C SER D 211 -29.90 7.80 -14.22
N LEU D 212 -30.76 8.76 -14.57
CA LEU D 212 -30.59 9.47 -15.85
C LEU D 212 -29.28 10.30 -15.84
N GLY D 213 -29.09 11.07 -14.77
CA GLY D 213 -27.93 11.95 -14.57
C GLY D 213 -26.84 11.48 -13.64
N GLY D 214 -27.04 10.34 -12.98
CA GLY D 214 -26.03 9.79 -12.07
C GLY D 214 -25.51 8.47 -12.57
N ARG D 215 -24.28 8.47 -13.11
CA ARG D 215 -23.67 7.24 -13.66
C ARG D 215 -22.17 7.23 -13.39
N GLN D 216 -21.59 6.03 -13.22
CA GLN D 216 -20.16 5.87 -13.03
C GLN D 216 -19.76 4.42 -13.29
N ILE D 217 -18.44 4.19 -13.45
CA ILE D 217 -17.92 2.82 -13.65
C ILE D 217 -17.95 2.09 -12.28
N HIS D 218 -18.64 0.92 -12.20
CA HIS D 218 -18.67 0.10 -10.97
C HIS D 218 -18.06 -1.25 -11.31
N LEU D 219 -16.83 -1.52 -10.82
CA LEU D 219 -16.12 -2.76 -11.13
C LEU D 219 -15.86 -3.66 -9.94
N ILE D 220 -16.09 -4.99 -10.09
CA ILE D 220 -15.72 -5.99 -9.11
C ILE D 220 -14.50 -6.70 -9.68
N ARG D 221 -13.39 -6.61 -8.98
CA ARG D 221 -12.08 -7.14 -9.42
C ARG D 221 -11.76 -8.53 -8.91
N SER D 222 -12.09 -8.84 -7.66
CA SER D 222 -11.80 -10.13 -7.05
C SER D 222 -12.73 -10.40 -5.90
N TRP D 223 -12.85 -11.67 -5.50
CA TRP D 223 -13.73 -12.08 -4.41
C TRP D 223 -13.36 -13.44 -3.88
N SER D 224 -13.10 -13.53 -2.58
CA SER D 224 -12.82 -14.79 -1.89
C SER D 224 -13.84 -14.92 -0.76
N PHE D 225 -14.24 -16.13 -0.46
CA PHE D 225 -15.27 -16.36 0.56
C PHE D 225 -15.10 -17.72 1.22
N THR D 226 -15.37 -17.78 2.51
CA THR D 226 -15.42 -19.01 3.30
C THR D 226 -16.50 -18.87 4.35
N SER D 227 -17.40 -19.84 4.40
CA SER D 227 -18.44 -19.91 5.41
C SER D 227 -18.37 -21.28 6.06
N THR D 228 -18.61 -21.36 7.35
CA THR D 228 -18.59 -22.63 8.07
C THR D 228 -19.75 -22.67 9.01
N LEU D 229 -20.56 -23.72 8.87
CA LEU D 229 -21.72 -23.99 9.72
C LEU D 229 -21.45 -25.29 10.48
N ILE D 230 -21.53 -25.23 11.80
CA ILE D 230 -21.32 -26.39 12.68
C ILE D 230 -22.54 -27.31 12.53
N THR D 231 -22.30 -28.60 12.24
CA THR D 231 -23.37 -29.57 12.02
C THR D 231 -23.51 -30.55 13.23
N THR D 232 -23.33 -30.05 14.47
CA THR D 232 -23.53 -30.83 15.70
C THR D 232 -24.10 -29.96 16.84
#